data_6TI4
#
_entry.id   6TI4
#
_cell.length_a   114.782
_cell.length_b   114.782
_cell.length_c   192.833
_cell.angle_alpha   90.000
_cell.angle_beta   90.000
_cell.angle_gamma   90.000
#
_symmetry.space_group_name_H-M   'P 41 21 2'
#
loop_
_entity.id
_entity.type
_entity.pdbx_description
1 polymer 'Serine hydroxymethyltransferase'
2 non-polymer GLYCEROL
3 non-polymer '(2~{R})-2-[[2-methyl-3-oxidanyl-5-(phosphonooxymethyl)pyridin-4-yl]methylamino]-3-oxidanyl-propanoic acid'
4 non-polymer 'MAGNESIUM ION'
5 water water
#
_entity_poly.entity_id   1
_entity_poly.type   'polypeptide(L)'
_entity_poly.pdbx_seq_one_letter_code
;MIFDKEDYKAFDPELWNAIDAEAERQQNNIELIASENVVSKAVMAAQGTLLTNKSAEGYPGKRYYGGTAVIDVVETLAIE
RAKKLFGAKFANVQPHSGSQANAAVYMSLIQPGDTVMGMDLSAGGHLTHGAPVSFSGKTYNFVSYNVDKESELLDYDAIL
AQAKEVRPKLIVAGASAYSRIIDFAKFREIADAVGAYLMVDMAHIAGLVASGHHPSPVPYAHVTTTTTHKTLRGPRGGLI
LTDDEDIAKKLNSAVFPGLQGGPLEHVIAAKAVALKEALDPAFKEYGENVIKNAAAMADVFNQHPDFRVISGGTNNHLFL
VDVTKVVENGKVAQNVLEEVNITLNKNSIPYEQLSPFKTSGIRVGSPAITSRGMGEAESRQIAEWMVEALENHDKPEVLE
RIRGDVKVLTDAFPLY
;
_entity_poly.pdbx_strand_id   A,C
#
loop_
_chem_comp.id
_chem_comp.type
_chem_comp.name
_chem_comp.formula
GOL non-polymer GLYCEROL 'C3 H8 O3'
MG non-polymer 'MAGNESIUM ION' 'Mg 2'
O3Z non-polymer '(2~{R})-2-[[2-methyl-3-oxidanyl-5-(phosphonooxymethyl)pyridin-4-yl]methylamino]-3-oxidanyl-propanoic acid' 'C11 H17 N2 O8 P'
#
# COMPACT_ATOMS: atom_id res chain seq x y z
N ASP A 7 -17.74 -16.37 -13.11
CA ASP A 7 -17.44 -16.99 -14.47
C ASP A 7 -16.01 -16.61 -14.89
N TYR A 8 -15.50 -15.44 -14.45
CA TYR A 8 -14.04 -15.17 -14.42
C TYR A 8 -13.40 -16.25 -13.54
N LYS A 9 -14.18 -16.84 -12.63
CA LYS A 9 -13.71 -17.90 -11.70
C LYS A 9 -13.33 -19.14 -12.51
N ALA A 10 -14.07 -19.41 -13.59
CA ALA A 10 -13.83 -20.58 -14.46
C ALA A 10 -12.44 -20.45 -15.07
N PHE A 11 -12.03 -19.24 -15.50
CA PHE A 11 -10.68 -19.00 -16.06
C PHE A 11 -9.57 -19.32 -15.02
N ASP A 12 -9.80 -19.19 -13.70
CA ASP A 12 -8.70 -19.34 -12.70
C ASP A 12 -9.19 -20.08 -11.46
N PRO A 13 -9.45 -21.39 -11.54
CA PRO A 13 -9.95 -22.11 -10.39
C PRO A 13 -8.99 -22.16 -9.20
N GLU A 14 -7.69 -22.26 -9.45
CA GLU A 14 -6.73 -22.42 -8.32
C GLU A 14 -6.85 -21.15 -7.46
N LEU A 15 -6.90 -19.97 -8.08
CA LEU A 15 -6.98 -18.69 -7.32
C LEU A 15 -8.36 -18.62 -6.67
N TRP A 16 -9.47 -18.77 -7.41
CA TRP A 16 -10.81 -18.60 -6.81
C TRP A 16 -11.18 -19.73 -5.84
N ASN A 17 -10.66 -20.93 -6.03
CA ASN A 17 -10.82 -22.00 -5.00
C ASN A 17 -10.21 -21.50 -3.68
N ALA A 18 -9.04 -20.84 -3.74
CA ALA A 18 -8.31 -20.44 -2.51
C ALA A 18 -9.08 -19.30 -1.86
N ILE A 19 -9.60 -18.35 -2.64
CA ILE A 19 -10.40 -17.24 -2.05
C ILE A 19 -11.66 -17.78 -1.36
N ASP A 20 -12.38 -18.71 -2.00
CA ASP A 20 -13.58 -19.36 -1.43
C ASP A 20 -13.18 -20.11 -0.14
N ALA A 21 -12.07 -20.82 -0.17
CA ALA A 21 -11.60 -21.55 1.05
C ALA A 21 -11.32 -20.55 2.18
N GLU A 22 -10.76 -19.36 1.88
CA GLU A 22 -10.44 -18.42 2.99
C GLU A 22 -11.75 -17.87 3.58
N ALA A 23 -12.78 -17.66 2.76
CA ALA A 23 -14.08 -17.17 3.26
C ALA A 23 -14.65 -18.25 4.19
N GLU A 24 -14.53 -19.53 3.82
CA GLU A 24 -15.07 -20.62 4.69
C GLU A 24 -14.20 -20.78 5.96
N ARG A 25 -12.86 -20.71 5.84
CA ARG A 25 -11.95 -20.77 7.02
C ARG A 25 -12.36 -19.64 7.97
N GLN A 26 -12.57 -18.42 7.49
CA GLN A 26 -12.93 -17.30 8.42
C GLN A 26 -14.27 -17.60 9.10
N GLN A 27 -15.24 -18.15 8.34
CA GLN A 27 -16.57 -18.56 8.90
C GLN A 27 -16.36 -19.62 10.01
N ASN A 28 -15.55 -20.65 9.75
CA ASN A 28 -15.49 -21.88 10.58
C ASN A 28 -14.48 -21.69 11.73
N ASN A 29 -13.78 -20.55 11.81
CA ASN A 29 -12.75 -20.32 12.88
C ASN A 29 -13.25 -19.17 13.81
N ILE A 30 -12.95 -19.28 15.10
CA ILE A 30 -13.09 -18.21 16.12
C ILE A 30 -11.81 -17.38 16.04
N GLU A 31 -11.90 -16.21 15.42
CA GLU A 31 -10.75 -15.27 15.26
C GLU A 31 -10.64 -14.42 16.54
N LEU A 32 -9.58 -14.66 17.32
CA LEU A 32 -9.24 -13.90 18.55
C LEU A 32 -7.92 -13.13 18.36
N ILE A 33 -7.33 -13.14 17.16
CA ILE A 33 -6.12 -12.29 16.93
C ILE A 33 -6.51 -10.82 17.11
N ALA A 34 -5.89 -10.10 18.06
CA ALA A 34 -6.41 -8.82 18.64
C ALA A 34 -6.44 -7.71 17.56
N SER A 35 -5.60 -7.85 16.54
CA SER A 35 -5.44 -6.91 15.39
C SER A 35 -6.46 -7.18 14.29
N GLU A 36 -7.22 -8.30 14.34
CA GLU A 36 -8.10 -8.69 13.22
C GLU A 36 -9.52 -8.16 13.45
N ASN A 37 -10.27 -8.06 12.37
CA ASN A 37 -11.68 -7.62 12.43
C ASN A 37 -12.42 -8.21 11.22
N VAL A 38 -13.71 -7.93 11.17
CA VAL A 38 -14.57 -8.34 10.05
C VAL A 38 -15.17 -7.09 9.46
N VAL A 39 -14.66 -6.67 8.31
CA VAL A 39 -15.10 -5.40 7.70
C VAL A 39 -16.44 -5.67 7.03
N SER A 40 -17.19 -4.60 6.86
CA SER A 40 -18.54 -4.59 6.22
C SER A 40 -18.43 -4.97 4.76
N LYS A 41 -19.56 -5.42 4.20
CA LYS A 41 -19.64 -5.68 2.74
C LYS A 41 -19.28 -4.41 1.97
N ALA A 42 -19.72 -3.28 2.50
CA ALA A 42 -19.56 -1.95 1.87
C ALA A 42 -18.06 -1.61 1.76
N VAL A 43 -17.29 -1.92 2.81
CA VAL A 43 -15.82 -1.64 2.81
C VAL A 43 -15.16 -2.47 1.71
N MET A 44 -15.41 -3.77 1.69
CA MET A 44 -14.84 -4.63 0.63
C MET A 44 -15.33 -4.16 -0.73
N ALA A 45 -16.63 -3.86 -0.88
CA ALA A 45 -17.12 -3.43 -2.23
C ALA A 45 -16.39 -2.18 -2.70
N ALA A 46 -16.15 -1.23 -1.82
CA ALA A 46 -15.54 0.05 -2.24
C ALA A 46 -14.12 -0.22 -2.79
N GLN A 47 -13.39 -1.17 -2.20
CA GLN A 47 -11.99 -1.38 -2.67
C GLN A 47 -12.01 -2.35 -3.85
N GLY A 48 -13.19 -2.91 -4.20
CA GLY A 48 -13.37 -3.65 -5.46
C GLY A 48 -13.89 -2.81 -6.63
N THR A 49 -13.73 -1.51 -6.61
CA THR A 49 -14.26 -0.59 -7.65
C THR A 49 -13.21 -0.22 -8.68
N LEU A 50 -13.68 0.47 -9.73
CA LEU A 50 -12.81 0.87 -10.86
C LEU A 50 -12.07 2.15 -10.51
N LEU A 51 -12.16 2.62 -9.28
CA LEU A 51 -11.21 3.66 -8.80
C LEU A 51 -9.74 3.19 -8.91
N THR A 52 -9.45 1.89 -8.90
CA THR A 52 -8.08 1.34 -9.13
C THR A 52 -7.54 1.79 -10.50
N ASN A 53 -8.41 2.16 -11.43
CA ASN A 53 -7.95 2.58 -12.78
C ASN A 53 -7.44 4.03 -12.79
N LYS A 54 -7.54 4.82 -11.72
CA LYS A 54 -7.13 6.24 -11.80
C LYS A 54 -5.88 6.53 -10.93
N SER A 55 -4.79 7.01 -11.56
CA SER A 55 -3.52 7.50 -10.93
C SER A 55 -3.78 8.89 -10.34
N ALA A 56 -3.64 9.04 -9.02
CA ALA A 56 -4.00 10.28 -8.31
C ALA A 56 -2.80 10.90 -7.57
N GLU A 57 -1.61 10.79 -8.15
CA GLU A 57 -0.39 11.47 -7.62
C GLU A 57 -0.78 12.88 -7.18
N GLY A 58 -0.36 13.30 -6.00
CA GLY A 58 -0.65 14.64 -5.46
C GLY A 58 -1.85 14.60 -4.53
N TYR A 59 -2.54 15.73 -4.33
CA TYR A 59 -3.62 15.88 -3.30
C TYR A 59 -4.84 16.54 -3.94
N PRO A 60 -6.03 16.49 -3.31
CA PRO A 60 -7.22 17.05 -3.95
C PRO A 60 -6.96 18.47 -4.46
N GLY A 61 -7.32 18.78 -5.70
CA GLY A 61 -7.19 20.16 -6.20
C GLY A 61 -5.75 20.45 -6.60
N LYS A 62 -4.83 19.51 -6.44
CA LYS A 62 -3.38 19.75 -6.66
C LYS A 62 -2.79 18.44 -7.13
N ARG A 63 -3.38 17.87 -8.17
CA ARG A 63 -2.96 16.55 -8.71
C ARG A 63 -1.95 16.70 -9.84
N TYR A 64 -1.11 15.70 -10.06
CA TYR A 64 -0.19 15.65 -11.20
C TYR A 64 -1.01 15.54 -12.48
N TYR A 65 -2.17 14.88 -12.52
CA TYR A 65 -2.88 14.53 -13.78
C TYR A 65 -4.33 15.04 -13.75
N GLY A 66 -4.94 15.04 -14.92
CA GLY A 66 -6.35 15.43 -15.08
C GLY A 66 -7.29 14.24 -14.93
N GLY A 67 -8.59 14.46 -15.07
CA GLY A 67 -9.57 13.38 -14.88
C GLY A 67 -9.69 12.98 -13.41
N THR A 68 -9.29 13.87 -12.51
CA THR A 68 -9.21 13.59 -11.04
C THR A 68 -10.29 14.31 -10.26
N ALA A 69 -11.27 14.98 -10.90
CA ALA A 69 -12.27 15.78 -10.15
C ALA A 69 -13.11 14.88 -9.21
N VAL A 70 -13.46 13.67 -9.67
CA VAL A 70 -14.34 12.77 -8.86
C VAL A 70 -13.48 12.07 -7.78
N ILE A 71 -12.29 11.61 -8.14
CA ILE A 71 -11.27 11.13 -7.16
C ILE A 71 -11.16 12.16 -6.03
N ASP A 72 -11.05 13.45 -6.34
CA ASP A 72 -10.95 14.52 -5.31
C ASP A 72 -12.17 14.52 -4.38
N VAL A 73 -13.39 14.27 -4.89
CA VAL A 73 -14.60 14.20 -4.01
C VAL A 73 -14.42 13.04 -3.02
N VAL A 74 -13.99 11.87 -3.51
CA VAL A 74 -13.84 10.63 -2.69
C VAL A 74 -12.75 10.86 -1.63
N GLU A 75 -11.59 11.35 -2.02
CA GLU A 75 -10.48 11.55 -1.05
C GLU A 75 -10.88 12.62 -0.05
N THR A 76 -11.54 13.71 -0.48
CA THR A 76 -11.99 14.78 0.43
C THR A 76 -13.03 14.24 1.42
N LEU A 77 -13.95 13.39 0.98
CA LEU A 77 -14.87 12.71 1.93
C LEU A 77 -14.05 11.98 3.03
N ALA A 78 -13.04 11.20 2.65
CA ALA A 78 -12.24 10.42 3.63
C ALA A 78 -11.57 11.39 4.62
N ILE A 79 -10.96 12.45 4.10
CA ILE A 79 -10.22 13.45 4.93
C ILE A 79 -11.21 14.09 5.90
N GLU A 80 -12.35 14.57 5.40
CA GLU A 80 -13.33 15.32 6.21
C GLU A 80 -13.93 14.39 7.26
N ARG A 81 -14.20 13.16 6.89
CA ARG A 81 -14.78 12.20 7.87
C ARG A 81 -13.73 11.84 8.95
N ALA A 82 -12.45 11.71 8.59
CA ALA A 82 -11.37 11.47 9.59
C ALA A 82 -11.33 12.66 10.56
N LYS A 83 -11.31 13.89 10.03
CA LYS A 83 -11.22 15.12 10.86
C LYS A 83 -12.41 15.16 11.81
N LYS A 84 -13.58 14.86 11.29
CA LYS A 84 -14.81 14.94 12.10
C LYS A 84 -14.75 13.85 13.17
N LEU A 85 -14.44 12.63 12.78
CA LEU A 85 -14.50 11.49 13.73
C LEU A 85 -13.48 11.70 14.83
N PHE A 86 -12.25 12.13 14.52
CA PHE A 86 -11.19 12.18 15.54
C PHE A 86 -11.00 13.60 16.08
N GLY A 87 -11.75 14.58 15.57
CA GLY A 87 -11.67 15.97 16.07
C GLY A 87 -10.31 16.61 15.74
N ALA A 88 -9.71 16.27 14.60
CA ALA A 88 -8.40 16.84 14.19
C ALA A 88 -8.63 17.93 13.13
N LYS A 89 -7.78 18.95 13.05
CA LYS A 89 -7.88 19.98 11.99
C LYS A 89 -7.33 19.50 10.65
N PHE A 90 -6.43 18.52 10.65
CA PHE A 90 -5.80 17.99 9.40
C PHE A 90 -5.76 16.47 9.43
N ALA A 91 -5.91 15.87 8.25
CA ALA A 91 -5.84 14.43 8.05
C ALA A 91 -5.19 14.16 6.69
N ASN A 92 -4.42 13.08 6.66
CA ASN A 92 -3.82 12.53 5.42
C ASN A 92 -4.24 11.09 5.35
N VAL A 93 -5.02 10.74 4.30
CA VAL A 93 -5.64 9.40 4.15
C VAL A 93 -4.88 8.58 3.10
N GLN A 94 -3.75 9.08 2.60
CA GLN A 94 -2.99 8.32 1.55
C GLN A 94 -2.05 7.21 2.05
N PRO A 95 -1.56 7.16 3.32
CA PRO A 95 -0.59 6.12 3.69
C PRO A 95 -1.10 4.72 3.37
N HIS A 96 -0.26 3.93 2.71
CA HIS A 96 -0.63 2.56 2.31
C HIS A 96 -0.82 1.63 3.50
N SER A 97 -0.25 1.98 4.65
CA SER A 97 -0.14 1.08 5.83
C SER A 97 0.13 1.92 7.07
N GLY A 98 0.00 1.30 8.24
CA GLY A 98 0.42 1.97 9.49
C GLY A 98 1.94 2.22 9.48
N SER A 99 2.69 1.32 8.89
CA SER A 99 4.18 1.42 8.87
C SER A 99 4.55 2.61 7.98
N GLN A 100 3.88 2.79 6.83
CA GLN A 100 4.16 3.94 5.94
C GLN A 100 3.72 5.22 6.63
N ALA A 101 2.62 5.23 7.37
CA ALA A 101 2.17 6.42 8.13
C ALA A 101 3.29 6.83 9.10
N ASN A 102 3.79 5.86 9.85
CA ASN A 102 4.85 6.11 10.85
C ASN A 102 6.10 6.67 10.15
N ALA A 103 6.56 6.05 9.05
CA ALA A 103 7.75 6.52 8.30
C ALA A 103 7.57 8.01 7.92
N ALA A 104 6.38 8.41 7.42
CA ALA A 104 6.13 9.81 7.00
C ALA A 104 6.23 10.76 8.19
N VAL A 105 5.76 10.33 9.37
CA VAL A 105 5.81 11.21 10.56
C VAL A 105 7.27 11.41 10.99
N TYR A 106 8.10 10.35 11.06
CA TYR A 106 9.56 10.48 11.42
C TYR A 106 10.21 11.44 10.43
N MET A 107 9.87 11.28 9.15
CA MET A 107 10.50 12.07 8.06
C MET A 107 10.12 13.53 8.23
N SER A 108 8.97 13.82 8.84
CA SER A 108 8.42 15.17 9.01
C SER A 108 8.99 15.83 10.24
N LEU A 109 9.31 15.09 11.30
CA LEU A 109 9.56 15.72 12.63
C LEU A 109 11.05 15.69 12.99
N ILE A 110 11.81 14.72 12.50
CA ILE A 110 13.17 14.41 13.03
C ILE A 110 14.09 14.15 11.83
N GLN A 111 15.39 13.99 12.09
CA GLN A 111 16.39 13.64 11.06
C GLN A 111 17.02 12.31 11.42
N PRO A 112 17.61 11.64 10.41
CA PRO A 112 18.35 10.41 10.61
C PRO A 112 19.40 10.64 11.71
N GLY A 113 19.52 9.67 12.60
CA GLY A 113 20.40 9.69 13.77
C GLY A 113 19.80 10.35 15.00
N ASP A 114 18.69 11.10 14.90
CA ASP A 114 18.06 11.69 16.11
C ASP A 114 17.65 10.60 17.09
N THR A 115 17.65 10.94 18.38
CA THR A 115 17.23 10.04 19.47
C THR A 115 15.69 10.04 19.58
N VAL A 116 15.10 8.85 19.72
CA VAL A 116 13.64 8.65 19.80
C VAL A 116 13.43 7.68 20.93
N MET A 117 12.41 7.89 21.74
CA MET A 117 11.97 6.91 22.74
C MET A 117 10.70 6.23 22.23
N GLY A 118 10.63 4.92 22.35
CA GLY A 118 9.44 4.15 21.98
C GLY A 118 9.23 3.02 22.95
N MET A 119 8.03 2.49 22.99
CA MET A 119 7.75 1.43 23.98
C MET A 119 8.56 0.17 23.60
N ASP A 120 9.04 -0.56 24.60
CA ASP A 120 9.76 -1.85 24.41
C ASP A 120 8.88 -2.82 23.62
N LEU A 121 9.40 -3.44 22.57
CA LEU A 121 8.82 -4.50 21.70
C LEU A 121 8.24 -5.67 22.53
N SER A 122 8.85 -6.02 23.66
CA SER A 122 8.34 -7.05 24.61
C SER A 122 7.15 -6.54 25.41
N ALA A 123 6.96 -5.22 25.48
CA ALA A 123 5.84 -4.66 26.27
C ALA A 123 4.75 -4.16 25.33
N GLY A 124 4.94 -4.28 24.01
CA GLY A 124 3.89 -3.91 23.04
C GLY A 124 4.32 -2.87 22.04
N GLY A 125 5.57 -2.43 22.02
CA GLY A 125 6.03 -1.53 20.95
C GLY A 125 5.98 -2.21 19.60
N HIS A 126 5.63 -1.49 18.53
CA HIS A 126 5.59 -2.05 17.15
C HIS A 126 7.02 -2.12 16.57
N LEU A 127 7.25 -2.93 15.54
CA LEU A 127 8.52 -2.96 14.76
C LEU A 127 8.92 -1.53 14.41
N THR A 128 7.99 -0.67 13.99
CA THR A 128 8.28 0.68 13.47
C THR A 128 8.58 1.66 14.60
N HIS A 129 8.50 1.21 15.86
CA HIS A 129 8.90 1.98 17.05
C HIS A 129 10.32 1.62 17.52
N GLY A 130 11.22 1.22 16.62
CA GLY A 130 12.69 1.15 16.85
C GLY A 130 13.30 -0.24 16.77
N ALA A 131 12.61 -1.27 16.26
CA ALA A 131 13.24 -2.60 16.13
C ALA A 131 14.46 -2.45 15.22
N PRO A 132 15.58 -3.14 15.52
CA PRO A 132 16.79 -3.01 14.71
C PRO A 132 16.63 -3.57 13.30
N VAL A 133 15.63 -4.46 13.10
CA VAL A 133 15.33 -5.08 11.76
C VAL A 133 14.42 -4.12 10.95
N SER A 134 13.90 -3.05 11.56
CA SER A 134 13.02 -2.01 10.93
C SER A 134 13.86 -0.81 10.45
N PHE A 135 13.41 -0.16 9.39
CA PHE A 135 13.94 1.16 8.93
C PHE A 135 14.00 2.07 10.17
N SER A 136 13.08 1.93 11.12
CA SER A 136 12.99 2.82 12.30
C SER A 136 14.30 2.74 13.13
N GLY A 137 14.65 1.54 13.54
CA GLY A 137 15.90 1.25 14.26
C GLY A 137 17.12 1.53 13.41
N LYS A 138 17.07 1.29 12.11
CA LYS A 138 18.26 1.51 11.24
C LYS A 138 18.48 3.02 11.02
N THR A 139 17.44 3.84 11.01
CA THR A 139 17.58 5.25 10.58
C THR A 139 17.76 6.17 11.79
N TYR A 140 17.12 5.85 12.90
CA TYR A 140 17.05 6.72 14.09
C TYR A 140 17.72 5.99 15.25
N ASN A 141 18.04 6.73 16.30
CA ASN A 141 18.63 6.14 17.54
C ASN A 141 17.52 5.90 18.57
N PHE A 142 16.89 4.72 18.52
CA PHE A 142 15.75 4.43 19.41
C PHE A 142 16.28 3.92 20.76
N VAL A 143 15.71 4.42 21.83
CA VAL A 143 15.90 3.94 23.22
C VAL A 143 14.51 3.53 23.75
N SER A 144 14.35 2.32 24.25
CA SER A 144 13.03 1.84 24.70
C SER A 144 12.75 2.18 26.16
N TYR A 145 11.48 2.47 26.45
CA TYR A 145 10.90 2.55 27.80
C TYR A 145 10.02 1.30 27.94
N ASN A 146 9.87 0.85 29.17
CA ASN A 146 9.14 -0.38 29.51
C ASN A 146 7.98 -0.02 30.45
N VAL A 147 7.22 -1.01 30.84
CA VAL A 147 6.23 -0.97 31.95
C VAL A 147 7.00 -1.32 33.24
N ASP A 148 6.43 -1.01 34.38
CA ASP A 148 6.97 -1.41 35.70
C ASP A 148 6.97 -2.94 35.79
N LYS A 149 8.06 -3.53 36.29
CA LYS A 149 8.22 -5.01 36.39
C LYS A 149 7.16 -5.61 37.31
N GLU A 150 6.77 -4.93 38.38
CA GLU A 150 5.81 -5.53 39.36
C GLU A 150 4.36 -5.28 38.92
N SER A 151 3.99 -4.08 38.52
CA SER A 151 2.58 -3.75 38.20
C SER A 151 2.25 -4.12 36.75
N GLU A 152 3.25 -4.11 35.86
CA GLU A 152 3.09 -4.22 34.40
C GLU A 152 2.31 -3.01 33.83
N LEU A 153 2.33 -1.88 34.52
CA LEU A 153 1.65 -0.62 34.10
C LEU A 153 2.74 0.35 33.64
N LEU A 154 2.38 1.26 32.72
CA LEU A 154 3.25 2.40 32.42
C LEU A 154 3.47 3.19 33.73
N ASP A 155 4.72 3.53 34.04
CA ASP A 155 5.08 4.37 35.21
C ASP A 155 5.59 5.70 34.67
N TYR A 156 4.74 6.73 34.67
CA TYR A 156 4.98 8.01 33.98
C TYR A 156 6.11 8.74 34.74
N ASP A 157 6.30 8.49 36.03
CA ASP A 157 7.41 9.13 36.81
C ASP A 157 8.73 8.52 36.34
N ALA A 158 8.77 7.19 36.19
CA ALA A 158 9.99 6.50 35.68
C ALA A 158 10.27 6.94 34.23
N ILE A 159 9.26 7.00 33.36
CA ILE A 159 9.46 7.39 31.94
C ILE A 159 9.99 8.83 31.91
N LEU A 160 9.45 9.72 32.74
CA LEU A 160 10.00 11.10 32.84
C LEU A 160 11.50 11.07 33.19
N ALA A 161 11.91 10.34 34.23
CA ALA A 161 13.32 10.29 34.71
C ALA A 161 14.18 9.80 33.54
N GLN A 162 13.73 8.76 32.84
CA GLN A 162 14.49 8.23 31.69
C GLN A 162 14.57 9.31 30.60
N ALA A 163 13.49 10.02 30.28
CA ALA A 163 13.50 11.01 29.19
C ALA A 163 14.51 12.13 29.50
N LYS A 164 14.58 12.56 30.75
CA LYS A 164 15.51 13.67 31.15
C LYS A 164 16.96 13.22 30.94
N GLU A 165 17.26 11.93 31.13
CA GLU A 165 18.60 11.34 30.83
C GLU A 165 18.81 11.22 29.33
N VAL A 166 17.84 10.67 28.60
CA VAL A 166 18.04 10.28 27.17
C VAL A 166 17.96 11.53 26.30
N ARG A 167 17.12 12.50 26.67
CA ARG A 167 16.94 13.73 25.85
C ARG A 167 16.49 13.40 24.43
N PRO A 168 15.32 12.74 24.25
CA PRO A 168 14.85 12.41 22.90
C PRO A 168 14.39 13.67 22.14
N LYS A 169 14.46 13.64 20.82
CA LYS A 169 13.79 14.61 19.95
C LYS A 169 12.29 14.28 19.82
N LEU A 170 11.93 13.05 20.09
CA LEU A 170 10.58 12.49 19.78
C LEU A 170 10.36 11.34 20.74
N ILE A 171 9.16 11.32 21.34
CA ILE A 171 8.63 10.17 22.10
C ILE A 171 7.45 9.59 21.33
N VAL A 172 7.49 8.28 21.17
CA VAL A 172 6.42 7.51 20.49
C VAL A 172 5.71 6.75 21.61
N ALA A 173 4.38 6.89 21.65
CA ALA A 173 3.47 6.19 22.57
C ALA A 173 2.43 5.43 21.73
N GLY A 174 1.95 4.35 22.31
CA GLY A 174 1.04 3.42 21.64
C GLY A 174 1.65 2.05 21.56
N ALA A 175 0.79 1.06 21.52
CA ALA A 175 1.21 -0.34 21.77
C ALA A 175 0.27 -1.32 21.07
N SER A 176 0.75 -2.56 20.93
CA SER A 176 -0.02 -3.67 20.33
C SER A 176 -0.30 -4.77 21.37
N ALA A 177 0.13 -4.63 22.62
CA ALA A 177 -0.11 -5.64 23.68
C ALA A 177 -0.33 -5.02 25.06
N TYR A 178 -0.74 -3.75 25.12
CA TYR A 178 -1.00 -3.06 26.39
C TYR A 178 -2.51 -2.94 26.59
N SER A 179 -3.01 -3.43 27.72
CA SER A 179 -4.46 -3.62 28.03
C SER A 179 -5.08 -2.42 28.77
N ARG A 180 -4.28 -1.52 29.34
CA ARG A 180 -4.78 -0.47 30.27
C ARG A 180 -4.89 0.87 29.56
N ILE A 181 -5.67 1.77 30.16
CA ILE A 181 -5.92 3.12 29.60
C ILE A 181 -4.58 3.87 29.61
N ILE A 182 -4.15 4.38 28.46
CA ILE A 182 -2.94 5.23 28.37
C ILE A 182 -3.32 6.66 28.76
N ASP A 183 -2.50 7.30 29.60
CA ASP A 183 -2.68 8.71 29.98
C ASP A 183 -1.89 9.57 28.97
N PHE A 184 -2.54 10.04 27.91
CA PHE A 184 -1.90 10.85 26.84
C PHE A 184 -1.55 12.26 27.33
N ALA A 185 -2.30 12.81 28.28
CA ALA A 185 -1.95 14.08 28.92
C ALA A 185 -0.58 13.94 29.60
N LYS A 186 -0.33 12.84 30.32
CA LYS A 186 0.99 12.55 30.96
C LYS A 186 2.09 12.40 29.90
N PHE A 187 1.85 11.63 28.83
CA PHE A 187 2.88 11.54 27.75
C PHE A 187 3.23 12.93 27.21
N ARG A 188 2.24 13.79 26.97
CA ARG A 188 2.55 15.13 26.41
C ARG A 188 3.28 15.97 27.48
N GLU A 189 2.91 15.84 28.76
CA GLU A 189 3.62 16.52 29.87
C GLU A 189 5.09 16.08 29.85
N ILE A 190 5.34 14.79 29.64
CA ILE A 190 6.75 14.27 29.61
C ILE A 190 7.49 14.89 28.43
N ALA A 191 6.88 14.85 27.25
CA ALA A 191 7.46 15.38 26.03
C ALA A 191 7.80 16.85 26.26
N ASP A 192 6.86 17.61 26.78
CA ASP A 192 7.01 19.07 26.96
C ASP A 192 8.15 19.33 27.95
N ALA A 193 8.30 18.49 28.98
CA ALA A 193 9.33 18.67 30.04
C ALA A 193 10.73 18.51 29.41
N VAL A 194 10.89 17.75 28.33
CA VAL A 194 12.23 17.55 27.73
C VAL A 194 12.31 18.19 26.35
N GLY A 195 11.31 18.98 25.95
CA GLY A 195 11.29 19.66 24.65
C GLY A 195 11.26 18.67 23.50
N ALA A 196 10.59 17.54 23.66
CA ALA A 196 10.42 16.53 22.59
C ALA A 196 9.05 16.67 21.91
N TYR A 197 8.96 16.23 20.65
CA TYR A 197 7.66 15.94 20.00
C TYR A 197 7.05 14.70 20.67
N LEU A 198 5.72 14.60 20.61
CA LEU A 198 4.96 13.38 20.96
C LEU A 198 4.18 12.91 19.73
N MET A 199 4.47 11.67 19.36
CA MET A 199 3.73 10.91 18.33
C MET A 199 3.03 9.76 19.04
N VAL A 200 1.75 9.62 18.77
CA VAL A 200 0.93 8.47 19.27
C VAL A 200 0.49 7.62 18.08
N ASP A 201 0.90 6.37 18.09
CA ASP A 201 0.44 5.37 17.12
C ASP A 201 -0.74 4.64 17.78
N MET A 202 -1.96 5.01 17.42
CA MET A 202 -3.16 4.49 18.10
C MET A 202 -3.78 3.33 17.32
N ALA A 203 -3.00 2.64 16.48
CA ALA A 203 -3.52 1.59 15.56
C ALA A 203 -4.44 0.62 16.31
N HIS A 204 -4.00 0.05 17.42
CA HIS A 204 -4.79 -1.01 18.11
C HIS A 204 -6.08 -0.43 18.67
N ILE A 205 -6.04 0.80 19.16
CA ILE A 205 -7.15 1.39 19.97
C ILE A 205 -8.00 2.39 19.19
N ALA A 206 -7.74 2.62 17.91
CA ALA A 206 -8.40 3.73 17.17
C ALA A 206 -9.93 3.57 17.15
N GLY A 207 -10.42 2.32 17.05
CA GLY A 207 -11.88 2.09 17.09
C GLY A 207 -12.48 2.47 18.43
N LEU A 208 -11.75 2.23 19.54
CA LEU A 208 -12.22 2.56 20.90
C LEU A 208 -12.09 4.07 21.11
N VAL A 209 -11.11 4.71 20.50
CA VAL A 209 -11.09 6.21 20.51
C VAL A 209 -12.34 6.72 19.79
N ALA A 210 -12.64 6.15 18.63
CA ALA A 210 -13.81 6.54 17.82
C ALA A 210 -15.10 6.25 18.60
N SER A 211 -15.19 5.13 19.31
CA SER A 211 -16.42 4.72 20.04
C SER A 211 -16.60 5.52 21.34
N GLY A 212 -15.57 6.19 21.84
CA GLY A 212 -15.65 6.95 23.11
C GLY A 212 -15.13 6.14 24.29
N HIS A 213 -14.67 4.92 24.05
CA HIS A 213 -14.25 3.97 25.11
C HIS A 213 -12.80 4.14 25.52
N HIS A 214 -11.94 4.79 24.73
CA HIS A 214 -10.56 5.11 25.12
C HIS A 214 -10.36 6.61 24.92
N PRO A 215 -9.75 7.28 25.88
CA PRO A 215 -9.36 8.68 25.71
C PRO A 215 -8.56 8.91 24.42
N SER A 216 -8.83 10.02 23.76
CA SER A 216 -8.19 10.41 22.49
C SER A 216 -6.78 10.94 22.73
N PRO A 217 -5.79 10.52 21.93
CA PRO A 217 -4.48 11.15 21.94
C PRO A 217 -4.43 12.43 21.11
N VAL A 218 -5.48 12.67 20.32
CA VAL A 218 -5.43 13.71 19.26
C VAL A 218 -5.15 15.09 19.85
N PRO A 219 -5.75 15.50 20.99
CA PRO A 219 -5.44 16.79 21.59
C PRO A 219 -4.06 16.90 22.24
N TYR A 220 -3.36 15.78 22.41
CA TYR A 220 -2.11 15.73 23.18
C TYR A 220 -0.88 15.44 22.28
N ALA A 221 -1.03 14.58 21.28
CA ALA A 221 0.07 14.18 20.36
C ALA A 221 0.27 15.33 19.37
N HIS A 222 1.52 15.72 19.07
CA HIS A 222 1.75 16.63 17.92
C HIS A 222 1.15 15.99 16.67
N VAL A 223 1.38 14.68 16.52
CA VAL A 223 0.92 13.86 15.38
C VAL A 223 0.40 12.50 15.91
N THR A 224 -0.75 12.10 15.41
CA THR A 224 -1.37 10.79 15.70
C THR A 224 -1.37 9.96 14.44
N THR A 225 -0.85 8.74 14.51
CA THR A 225 -0.95 7.79 13.41
C THR A 225 -1.91 6.66 13.82
N THR A 226 -2.44 5.96 12.81
CA THR A 226 -3.24 4.74 13.00
C THR A 226 -3.26 3.94 11.71
N THR A 227 -3.55 2.66 11.86
CA THR A 227 -4.09 1.83 10.78
C THR A 227 -5.57 2.21 10.61
N THR A 228 -6.13 2.01 9.44
CA THR A 228 -7.61 2.14 9.29
C THR A 228 -8.25 0.77 9.59
N HIS A 229 -7.48 -0.31 9.51
CA HIS A 229 -7.87 -1.66 10.01
C HIS A 229 -7.57 -1.79 11.52
N LYS A 230 -7.95 -2.92 12.10
CA LYS A 230 -7.92 -3.29 13.55
C LYS A 230 -9.24 -2.83 14.17
N THR A 231 -9.24 -2.20 15.32
CA THR A 231 -10.49 -1.88 16.06
C THR A 231 -11.34 -0.91 15.24
N LEU A 232 -10.73 -0.06 14.39
CA LEU A 232 -11.55 0.94 13.64
C LEU A 232 -12.40 0.25 12.55
N ARG A 233 -12.05 -0.96 12.19
CA ARG A 233 -12.90 -1.88 11.35
C ARG A 233 -12.91 -1.36 9.92
N GLY A 234 -11.79 -0.72 9.49
CA GLY A 234 -11.69 -0.23 8.11
C GLY A 234 -10.87 -1.15 7.21
N PRO A 235 -10.65 -0.75 5.94
CA PRO A 235 -9.76 -1.51 5.07
C PRO A 235 -8.30 -1.36 5.58
N ARG A 236 -7.43 -2.20 5.08
CA ARG A 236 -5.98 -2.20 5.41
C ARG A 236 -5.36 -0.93 4.81
N GLY A 237 -4.77 -0.11 5.67
CA GLY A 237 -4.14 1.15 5.26
C GLY A 237 -3.78 1.98 6.46
N GLY A 238 -3.27 3.18 6.21
CA GLY A 238 -2.87 4.11 7.27
C GLY A 238 -3.56 5.45 7.19
N LEU A 239 -3.38 6.23 8.24
CA LEU A 239 -4.03 7.52 8.43
C LEU A 239 -3.12 8.33 9.35
N ILE A 240 -2.96 9.61 9.04
CA ILE A 240 -2.25 10.60 9.90
C ILE A 240 -3.15 11.80 10.22
N LEU A 241 -3.12 12.22 11.47
CA LEU A 241 -3.86 13.39 12.04
C LEU A 241 -2.88 14.35 12.71
N THR A 242 -3.20 15.63 12.66
CA THR A 242 -2.54 16.68 13.43
C THR A 242 -3.46 17.90 13.51
N ASP A 243 -3.21 18.76 14.51
CA ASP A 243 -3.87 20.07 14.69
C ASP A 243 -2.94 21.20 14.20
N ASP A 244 -1.71 20.90 13.81
CA ASP A 244 -0.68 21.96 13.56
C ASP A 244 -0.50 22.11 12.06
N GLU A 245 -0.84 23.28 11.52
CA GLU A 245 -0.86 23.47 10.05
C GLU A 245 0.55 23.33 9.42
N ASP A 246 1.58 23.78 10.11
CA ASP A 246 2.96 23.67 9.59
C ASP A 246 3.36 22.19 9.56
N ILE A 247 3.06 21.44 10.62
CA ILE A 247 3.34 19.98 10.61
C ILE A 247 2.53 19.34 9.48
N ALA A 248 1.28 19.74 9.31
CA ALA A 248 0.43 19.11 8.30
C ALA A 248 1.12 19.28 6.95
N LYS A 249 1.69 20.46 6.64
CA LYS A 249 2.33 20.62 5.29
C LYS A 249 3.51 19.65 5.14
N LYS A 250 4.32 19.49 6.17
CA LYS A 250 5.48 18.57 6.09
C LYS A 250 5.01 17.13 5.95
N LEU A 251 3.97 16.75 6.68
CA LEU A 251 3.44 15.35 6.62
C LEU A 251 2.97 15.06 5.21
N ASN A 252 2.24 16.00 4.62
CA ASN A 252 1.70 15.83 3.26
C ASN A 252 2.87 15.63 2.30
N SER A 253 3.92 16.45 2.39
CA SER A 253 5.08 16.35 1.48
C SER A 253 5.83 15.05 1.74
N ALA A 254 5.85 14.58 2.98
CA ALA A 254 6.58 13.32 3.37
C ALA A 254 5.87 12.10 2.77
N VAL A 255 4.54 12.02 2.91
CA VAL A 255 3.76 10.90 2.30
C VAL A 255 3.97 10.87 0.79
N PHE A 256 3.85 12.02 0.14
CA PHE A 256 4.00 12.17 -1.33
C PHE A 256 4.52 13.58 -1.64
N PRO A 257 5.64 13.73 -2.37
CA PRO A 257 6.45 12.66 -2.95
C PRO A 257 7.61 12.06 -2.10
N GLY A 258 7.63 12.30 -0.79
CA GLY A 258 8.73 11.80 0.07
C GLY A 258 8.83 10.29 0.01
N LEU A 259 7.73 9.57 0.27
CA LEU A 259 7.82 8.10 0.59
C LEU A 259 7.07 7.23 -0.40
N GLN A 260 5.89 7.67 -0.80
CA GLN A 260 5.00 6.94 -1.71
C GLN A 260 4.95 7.67 -3.07
N GLY A 261 4.34 6.98 -4.04
CA GLY A 261 3.85 7.64 -5.26
C GLY A 261 2.34 7.76 -5.22
N GLY A 262 1.69 7.13 -6.19
CA GLY A 262 0.24 7.26 -6.34
C GLY A 262 -0.44 6.57 -5.17
N PRO A 263 -1.50 7.18 -4.62
CA PRO A 263 -2.31 6.53 -3.61
C PRO A 263 -3.25 5.46 -4.17
N LEU A 264 -3.79 4.64 -3.26
CA LEU A 264 -4.77 3.57 -3.61
C LEU A 264 -6.17 4.16 -3.41
N GLU A 265 -6.72 4.83 -4.41
CA GLU A 265 -7.98 5.61 -4.24
C GLU A 265 -9.18 4.67 -4.00
N HIS A 266 -9.20 3.47 -4.56
CA HIS A 266 -10.21 2.43 -4.21
C HIS A 266 -10.12 2.12 -2.71
N VAL A 267 -8.90 2.02 -2.15
CA VAL A 267 -8.78 1.77 -0.69
C VAL A 267 -9.21 3.02 0.04
N ILE A 268 -8.87 4.21 -0.47
CA ILE A 268 -9.32 5.46 0.21
C ILE A 268 -10.86 5.57 0.19
N ALA A 269 -11.53 5.16 -0.89
CA ALA A 269 -13.04 5.07 -0.90
C ALA A 269 -13.50 4.18 0.26
N ALA A 270 -12.85 3.05 0.46
CA ALA A 270 -13.16 2.11 1.56
C ALA A 270 -12.91 2.80 2.89
N LYS A 271 -11.89 3.66 3.00
CA LYS A 271 -11.60 4.36 4.26
C LYS A 271 -12.81 5.29 4.53
N ALA A 272 -13.28 6.00 3.49
CA ALA A 272 -14.41 6.93 3.60
C ALA A 272 -15.62 6.13 4.11
N VAL A 273 -15.85 4.97 3.52
CA VAL A 273 -16.96 4.06 3.95
C VAL A 273 -16.83 3.73 5.43
N ALA A 274 -15.66 3.23 5.84
CA ALA A 274 -15.42 2.85 7.25
C ALA A 274 -15.54 4.03 8.17
N LEU A 275 -15.04 5.22 7.80
CA LEU A 275 -15.10 6.34 8.73
C LEU A 275 -16.56 6.78 8.94
N LYS A 276 -17.40 6.72 7.91
CA LYS A 276 -18.84 7.03 8.09
C LYS A 276 -19.53 5.95 8.96
N GLU A 277 -19.12 4.69 8.85
CA GLU A 277 -19.66 3.62 9.75
C GLU A 277 -19.28 3.91 11.20
N ALA A 278 -18.09 4.46 11.43
CA ALA A 278 -17.60 4.71 12.80
C ALA A 278 -18.26 5.99 13.36
N LEU A 279 -18.75 6.87 12.50
CA LEU A 279 -19.49 8.08 12.95
C LEU A 279 -20.95 7.74 13.31
N ASP A 280 -21.43 6.58 12.95
CA ASP A 280 -22.82 6.16 13.28
C ASP A 280 -22.93 5.81 14.77
N PRO A 281 -24.07 6.17 15.41
CA PRO A 281 -24.32 5.79 16.80
C PRO A 281 -24.12 4.29 17.10
N ALA A 282 -24.38 3.41 16.13
CA ALA A 282 -24.19 1.96 16.30
C ALA A 282 -22.72 1.64 16.59
N PHE A 283 -21.77 2.49 16.17
CA PHE A 283 -20.34 2.23 16.44
C PHE A 283 -20.09 2.32 17.95
N LYS A 284 -20.76 3.22 18.70
CA LYS A 284 -20.60 3.32 20.16
C LYS A 284 -20.98 1.97 20.82
N GLU A 285 -22.06 1.37 20.35
CA GLU A 285 -22.50 0.07 20.91
C GLU A 285 -21.48 -1.02 20.55
N TYR A 286 -20.95 -1.03 19.31
CA TYR A 286 -19.82 -1.93 18.96
C TYR A 286 -18.71 -1.79 20.03
N GLY A 287 -18.26 -0.58 20.29
CA GLY A 287 -17.12 -0.38 21.19
C GLY A 287 -17.47 -0.91 22.56
N GLU A 288 -18.68 -0.63 23.02
CA GLU A 288 -19.09 -1.09 24.36
C GLU A 288 -19.04 -2.64 24.39
N ASN A 289 -19.58 -3.31 23.39
CA ASN A 289 -19.52 -4.81 23.29
C ASN A 289 -18.06 -5.29 23.17
N VAL A 290 -17.19 -4.57 22.45
CA VAL A 290 -15.75 -4.93 22.38
C VAL A 290 -15.16 -4.94 23.79
N ILE A 291 -15.43 -3.90 24.58
CA ILE A 291 -14.91 -3.79 25.97
C ILE A 291 -15.48 -4.92 26.85
N LYS A 292 -16.79 -5.15 26.82
CA LYS A 292 -17.45 -6.14 27.72
C LYS A 292 -16.97 -7.53 27.34
N ASN A 293 -16.81 -7.79 26.03
CA ASN A 293 -16.47 -9.13 25.51
C ASN A 293 -15.03 -9.47 25.93
N ALA A 294 -14.12 -8.50 25.83
CA ALA A 294 -12.71 -8.72 26.19
C ALA A 294 -12.66 -8.94 27.71
N ALA A 295 -13.41 -8.16 28.50
CA ALA A 295 -13.42 -8.31 29.97
C ALA A 295 -13.94 -9.71 30.39
N ALA A 296 -15.01 -10.16 29.76
CA ALA A 296 -15.64 -11.49 30.04
C ALA A 296 -14.61 -12.60 29.73
N MET A 297 -13.83 -12.49 28.65
CA MET A 297 -12.78 -13.52 28.43
C MET A 297 -11.72 -13.41 29.51
N ALA A 298 -11.25 -12.19 29.82
CA ALA A 298 -10.15 -12.04 30.79
C ALA A 298 -10.55 -12.62 32.16
N ASP A 299 -11.80 -12.43 32.55
CA ASP A 299 -12.29 -12.87 33.87
C ASP A 299 -12.11 -14.40 34.01
N VAL A 300 -12.38 -15.15 32.95
CA VAL A 300 -12.22 -16.63 32.99
C VAL A 300 -10.79 -16.92 33.40
N PHE A 301 -9.81 -16.30 32.75
CA PHE A 301 -8.38 -16.56 33.03
C PHE A 301 -7.96 -16.02 34.42
N ASN A 302 -8.50 -14.87 34.84
CA ASN A 302 -8.22 -14.25 36.17
C ASN A 302 -8.67 -15.23 37.30
N GLN A 303 -9.86 -15.79 37.16
CA GLN A 303 -10.42 -16.71 38.20
C GLN A 303 -9.72 -18.06 38.18
N HIS A 304 -9.26 -18.56 37.04
CA HIS A 304 -8.54 -19.85 37.00
C HIS A 304 -7.19 -19.73 37.70
N PRO A 305 -6.88 -20.64 38.66
CA PRO A 305 -5.59 -20.62 39.36
C PRO A 305 -4.35 -20.91 38.49
N ASP A 306 -4.50 -21.55 37.35
CA ASP A 306 -3.32 -21.97 36.55
C ASP A 306 -2.89 -20.84 35.60
N PHE A 307 -3.66 -19.76 35.49
CA PHE A 307 -3.44 -18.71 34.46
C PHE A 307 -3.31 -17.33 35.11
N ARG A 308 -2.48 -16.47 34.53
CA ARG A 308 -2.31 -15.07 34.98
C ARG A 308 -2.49 -14.11 33.79
N VAL A 309 -3.36 -13.11 33.98
CA VAL A 309 -3.58 -12.06 32.94
C VAL A 309 -2.61 -10.93 33.24
N ILE A 310 -1.88 -10.47 32.23
CA ILE A 310 -0.85 -9.41 32.37
C ILE A 310 -1.59 -8.14 32.82
N SER A 311 -1.09 -7.53 33.91
CA SER A 311 -1.62 -6.31 34.58
C SER A 311 -2.94 -6.65 35.28
N GLY A 312 -3.35 -7.92 35.33
CA GLY A 312 -4.49 -8.40 36.15
C GLY A 312 -5.81 -8.27 35.42
N GLY A 313 -5.79 -7.87 34.13
CA GLY A 313 -7.01 -7.62 33.36
C GLY A 313 -6.80 -6.57 32.26
N THR A 314 -7.91 -6.00 31.81
CA THR A 314 -7.97 -5.13 30.62
C THR A 314 -9.03 -4.04 30.79
N ASN A 315 -8.75 -2.88 30.20
CA ASN A 315 -9.73 -1.80 29.93
C ASN A 315 -9.82 -1.53 28.43
N ASN A 316 -9.36 -2.45 27.58
CA ASN A 316 -9.55 -2.28 26.11
C ASN A 316 -9.99 -3.61 25.49
N HIS A 317 -9.64 -3.81 24.22
CA HIS A 317 -10.09 -4.92 23.35
C HIS A 317 -9.24 -6.17 23.57
N LEU A 318 -8.09 -6.05 24.25
CA LEU A 318 -7.12 -7.15 24.30
C LEU A 318 -6.62 -7.40 25.72
N PHE A 319 -5.99 -8.55 25.85
CA PHE A 319 -5.22 -8.94 27.06
C PHE A 319 -4.24 -10.06 26.71
N LEU A 320 -3.24 -10.22 27.56
CA LEU A 320 -2.24 -11.30 27.45
C LEU A 320 -2.43 -12.23 28.66
N VAL A 321 -2.12 -13.51 28.45
CA VAL A 321 -2.19 -14.57 29.50
C VAL A 321 -0.86 -15.32 29.54
N ASP A 322 -0.24 -15.41 30.71
CA ASP A 322 0.91 -16.30 30.96
C ASP A 322 0.36 -17.73 31.00
N VAL A 323 0.76 -18.57 30.04
CA VAL A 323 0.21 -19.94 29.90
C VAL A 323 1.20 -21.01 30.42
N THR A 324 2.35 -20.62 30.97
CA THR A 324 3.50 -21.52 31.20
C THR A 324 3.28 -22.46 32.39
N LYS A 325 2.20 -22.36 33.17
CA LYS A 325 1.89 -23.34 34.22
C LYS A 325 1.14 -24.52 33.60
N VAL A 326 0.58 -24.36 32.40
CA VAL A 326 -0.29 -25.39 31.76
C VAL A 326 0.41 -25.96 30.53
N VAL A 327 1.07 -25.16 29.70
CA VAL A 327 1.79 -25.69 28.51
C VAL A 327 3.14 -25.03 28.57
N GLU A 328 4.08 -25.50 27.75
CA GLU A 328 5.51 -25.10 27.83
C GLU A 328 5.66 -23.63 27.45
N ASN A 329 4.88 -23.15 26.48
CA ASN A 329 5.11 -21.78 25.94
C ASN A 329 3.91 -21.35 25.07
N GLY A 330 3.93 -20.11 24.60
CA GLY A 330 2.78 -19.57 23.88
C GLY A 330 2.63 -20.21 22.51
N LYS A 331 3.72 -20.65 21.89
CA LYS A 331 3.65 -21.32 20.56
C LYS A 331 2.85 -22.61 20.71
N VAL A 332 3.11 -23.36 21.77
CA VAL A 332 2.35 -24.60 22.07
C VAL A 332 0.89 -24.24 22.22
N ALA A 333 0.56 -23.21 23.02
CA ALA A 333 -0.83 -22.77 23.27
C ALA A 333 -1.51 -22.36 21.96
N GLN A 334 -0.81 -21.58 21.13
CA GLN A 334 -1.32 -21.20 19.80
C GLN A 334 -1.64 -22.47 19.00
N ASN A 335 -0.72 -23.41 18.93
CA ASN A 335 -0.91 -24.66 18.14
C ASN A 335 -2.07 -25.49 18.67
N VAL A 336 -2.22 -25.61 20.00
CA VAL A 336 -3.34 -26.41 20.59
C VAL A 336 -4.67 -25.76 20.21
N LEU A 337 -4.78 -24.44 20.37
CA LEU A 337 -6.07 -23.78 20.16
C LEU A 337 -6.43 -23.84 18.68
N GLU A 338 -5.45 -23.75 17.78
CA GLU A 338 -5.67 -23.92 16.31
C GLU A 338 -6.37 -25.29 16.04
N GLU A 339 -5.97 -26.34 16.73
CA GLU A 339 -6.60 -27.69 16.62
C GLU A 339 -8.10 -27.62 16.88
N VAL A 340 -8.59 -26.71 17.72
CA VAL A 340 -10.05 -26.60 18.02
C VAL A 340 -10.62 -25.36 17.29
N ASN A 341 -9.97 -24.90 16.24
CA ASN A 341 -10.48 -23.82 15.35
C ASN A 341 -10.68 -22.51 16.14
N ILE A 342 -9.77 -22.24 17.06
CA ILE A 342 -9.62 -20.93 17.75
C ILE A 342 -8.24 -20.38 17.38
N THR A 343 -8.19 -19.25 16.64
CA THR A 343 -6.88 -18.65 16.22
C THR A 343 -6.57 -17.46 17.12
N LEU A 344 -5.41 -17.47 17.73
CA LEU A 344 -4.87 -16.29 18.45
C LEU A 344 -3.37 -16.29 18.17
N ASN A 345 -2.56 -15.51 18.89
CA ASN A 345 -1.10 -15.54 18.62
C ASN A 345 -0.37 -15.68 19.93
N LYS A 346 0.68 -16.50 19.91
CA LYS A 346 1.66 -16.45 21.00
C LYS A 346 2.13 -15.00 21.07
N ASN A 347 2.57 -14.60 22.25
CA ASN A 347 3.01 -13.21 22.44
C ASN A 347 3.98 -13.17 23.60
N SER A 348 5.05 -12.39 23.45
CA SER A 348 5.94 -11.99 24.55
C SER A 348 5.14 -11.27 25.61
N ILE A 349 5.41 -11.62 26.86
CA ILE A 349 4.90 -10.88 28.04
C ILE A 349 5.99 -9.90 28.47
N PRO A 350 5.61 -8.91 29.29
CA PRO A 350 6.61 -7.93 29.74
C PRO A 350 7.74 -8.69 30.48
N TYR A 351 8.99 -8.32 30.21
CA TYR A 351 10.22 -8.91 30.83
C TYR A 351 10.29 -10.39 30.44
N GLU A 352 9.80 -10.72 29.25
CA GLU A 352 9.77 -12.09 28.69
C GLU A 352 11.14 -12.76 28.87
N GLN A 353 11.16 -13.97 29.42
CA GLN A 353 12.38 -14.78 29.69
C GLN A 353 12.59 -15.82 28.58
N LEU A 354 11.53 -16.27 27.89
CA LEU A 354 11.68 -17.34 26.88
C LEU A 354 12.04 -16.72 25.54
N SER A 355 12.40 -17.57 24.60
CA SER A 355 12.74 -17.12 23.23
C SER A 355 11.56 -16.36 22.62
N PRO A 356 11.81 -15.32 21.81
CA PRO A 356 10.72 -14.64 21.11
C PRO A 356 9.94 -15.53 20.14
N PHE A 357 10.49 -16.69 19.73
CA PHE A 357 9.81 -17.69 18.84
C PHE A 357 8.88 -18.57 19.68
N LYS A 358 9.04 -18.56 21.01
CA LYS A 358 8.24 -19.43 21.90
C LYS A 358 7.30 -18.57 22.74
N THR A 359 7.87 -17.70 23.58
CA THR A 359 7.16 -16.73 24.46
C THR A 359 6.46 -17.43 25.60
N SER A 360 6.11 -16.67 26.61
CA SER A 360 5.34 -17.13 27.80
C SER A 360 3.85 -16.92 27.63
N GLY A 361 3.42 -16.26 26.55
CA GLY A 361 2.04 -15.72 26.53
C GLY A 361 1.20 -16.06 25.33
N ILE A 362 -0.11 -15.82 25.48
CA ILE A 362 -1.05 -15.68 24.35
C ILE A 362 -1.67 -14.28 24.40
N ARG A 363 -1.93 -13.69 23.23
CA ARG A 363 -2.70 -12.43 23.17
C ARG A 363 -4.10 -12.76 22.66
N VAL A 364 -5.12 -12.26 23.36
CA VAL A 364 -6.54 -12.48 23.03
C VAL A 364 -7.19 -11.13 22.77
N GLY A 365 -7.93 -11.04 21.66
CA GLY A 365 -8.80 -9.87 21.43
C GLY A 365 -10.25 -10.23 21.12
N SER A 366 -11.13 -9.31 21.45
CA SER A 366 -12.59 -9.35 21.21
C SER A 366 -13.09 -8.73 19.91
N PRO A 367 -12.38 -7.90 19.11
CA PRO A 367 -13.06 -7.19 18.02
C PRO A 367 -13.79 -8.08 16.97
N ALA A 368 -13.17 -9.16 16.49
CA ALA A 368 -13.73 -9.97 15.38
C ALA A 368 -14.98 -10.70 15.88
N ILE A 369 -14.91 -11.33 17.06
CA ILE A 369 -16.11 -12.05 17.60
C ILE A 369 -17.24 -11.05 17.90
N THR A 370 -16.92 -9.82 18.36
CA THR A 370 -17.90 -8.74 18.57
C THR A 370 -18.52 -8.39 17.23
N SER A 371 -17.75 -8.26 16.16
CA SER A 371 -18.33 -7.86 14.85
C SER A 371 -19.25 -8.97 14.31
N ARG A 372 -19.07 -10.22 14.74
CA ARG A 372 -19.93 -11.36 14.34
C ARG A 372 -21.22 -11.40 15.20
N GLY A 373 -21.39 -10.50 16.15
CA GLY A 373 -22.60 -10.41 16.95
C GLY A 373 -22.47 -11.15 18.28
N MET A 374 -21.32 -11.71 18.63
CA MET A 374 -21.21 -12.44 19.92
C MET A 374 -21.22 -11.48 21.12
N GLY A 375 -21.74 -11.98 22.23
CA GLY A 375 -21.93 -11.22 23.48
C GLY A 375 -21.12 -11.82 24.59
N GLU A 376 -21.40 -11.39 25.81
CA GLU A 376 -20.61 -11.83 26.98
C GLU A 376 -20.71 -13.34 27.22
N ALA A 377 -21.88 -13.95 27.05
CA ALA A 377 -22.04 -15.40 27.32
C ALA A 377 -21.17 -16.19 26.35
N GLU A 378 -21.19 -15.81 25.08
CA GLU A 378 -20.36 -16.51 24.06
C GLU A 378 -18.88 -16.28 24.37
N SER A 379 -18.51 -15.06 24.74
CA SER A 379 -17.10 -14.69 25.01
C SER A 379 -16.64 -15.54 26.19
N ARG A 380 -17.43 -15.65 27.25
CA ARG A 380 -17.05 -16.47 28.42
C ARG A 380 -16.89 -17.94 27.98
N GLN A 381 -17.85 -18.48 27.24
CA GLN A 381 -17.82 -19.89 26.74
C GLN A 381 -16.54 -20.12 25.92
N ILE A 382 -16.16 -19.16 25.07
CA ILE A 382 -14.92 -19.28 24.27
C ILE A 382 -13.72 -19.39 25.20
N ALA A 383 -13.61 -18.50 26.18
CA ALA A 383 -12.49 -18.55 27.16
C ALA A 383 -12.51 -19.87 27.95
N GLU A 384 -13.68 -20.40 28.30
CA GLU A 384 -13.75 -21.72 29.00
C GLU A 384 -13.20 -22.81 28.08
N TRP A 385 -13.56 -22.81 26.79
CA TRP A 385 -12.98 -23.77 25.81
C TRP A 385 -11.46 -23.63 25.71
N MET A 386 -10.92 -22.40 25.80
CA MET A 386 -9.45 -22.22 25.70
C MET A 386 -8.79 -22.88 26.90
N VAL A 387 -9.28 -22.61 28.10
CA VAL A 387 -8.76 -23.20 29.37
C VAL A 387 -8.83 -24.75 29.26
N GLU A 388 -9.97 -25.28 28.86
CA GLU A 388 -10.23 -26.74 28.75
C GLU A 388 -9.28 -27.35 27.70
N ALA A 389 -9.08 -26.70 26.56
CA ALA A 389 -8.19 -27.25 25.51
C ALA A 389 -6.75 -27.28 26.01
N LEU A 390 -6.31 -26.22 26.69
CA LEU A 390 -4.92 -26.14 27.15
C LEU A 390 -4.74 -27.17 28.30
N GLU A 391 -5.69 -27.24 29.22
CA GLU A 391 -5.63 -28.20 30.35
C GLU A 391 -5.57 -29.63 29.81
N ASN A 392 -6.23 -29.93 28.69
CA ASN A 392 -6.42 -31.30 28.14
C ASN A 392 -5.77 -31.40 26.74
N HIS A 393 -4.64 -30.71 26.53
CA HIS A 393 -3.95 -30.65 25.22
C HIS A 393 -3.51 -32.04 24.76
N ASP A 394 -3.34 -33.02 25.66
CA ASP A 394 -2.88 -34.38 25.27
C ASP A 394 -4.08 -35.36 25.14
N LYS A 395 -5.33 -34.90 25.17
CA LYS A 395 -6.54 -35.74 25.06
C LYS A 395 -7.31 -35.43 23.78
N PRO A 396 -6.94 -36.08 22.66
CA PRO A 396 -7.63 -35.90 21.39
C PRO A 396 -9.15 -35.89 21.45
N GLU A 397 -9.73 -36.75 22.27
CA GLU A 397 -11.22 -36.87 22.38
C GLU A 397 -11.76 -35.56 22.99
N VAL A 398 -11.01 -34.91 23.87
CA VAL A 398 -11.44 -33.60 24.47
C VAL A 398 -11.42 -32.51 23.37
N LEU A 399 -10.29 -32.41 22.65
CA LEU A 399 -10.08 -31.41 21.58
C LEU A 399 -11.11 -31.65 20.51
N GLU A 400 -11.42 -32.92 20.21
CA GLU A 400 -12.42 -33.26 19.19
C GLU A 400 -13.77 -32.72 19.64
N ARG A 401 -14.13 -32.94 20.90
CA ARG A 401 -15.43 -32.42 21.41
C ARG A 401 -15.45 -30.87 21.37
N ILE A 402 -14.39 -30.22 21.82
CA ILE A 402 -14.38 -28.72 21.84
C ILE A 402 -14.53 -28.24 20.39
N ARG A 403 -13.82 -28.86 19.44
CA ARG A 403 -13.92 -28.49 18.00
C ARG A 403 -15.37 -28.62 17.52
N GLY A 404 -16.10 -29.65 17.99
CA GLY A 404 -17.50 -29.81 17.55
C GLY A 404 -18.42 -28.75 18.16
N ASP A 405 -18.21 -28.44 19.44
CA ASP A 405 -18.90 -27.32 20.14
C ASP A 405 -18.62 -25.96 19.45
N VAL A 406 -17.36 -25.71 19.06
CA VAL A 406 -16.97 -24.46 18.33
C VAL A 406 -17.80 -24.35 17.04
N LYS A 407 -18.05 -25.48 16.31
CA LYS A 407 -18.80 -25.46 15.03
C LYS A 407 -20.26 -25.04 15.28
N VAL A 408 -20.84 -25.47 16.40
CA VAL A 408 -22.22 -25.03 16.75
C VAL A 408 -22.22 -23.52 16.93
N LEU A 409 -21.21 -22.97 17.62
CA LEU A 409 -21.19 -21.50 17.89
C LEU A 409 -20.93 -20.71 16.60
N THR A 410 -19.98 -21.14 15.76
CA THR A 410 -19.69 -20.42 14.50
C THR A 410 -20.90 -20.49 13.59
N ASP A 411 -21.60 -21.64 13.54
CA ASP A 411 -22.83 -21.75 12.69
C ASP A 411 -23.86 -20.73 13.17
N ALA A 412 -23.92 -20.49 14.47
CA ALA A 412 -24.95 -19.65 15.11
C ALA A 412 -24.64 -18.18 14.86
N PHE A 413 -23.37 -17.82 14.63
CA PHE A 413 -22.98 -16.40 14.43
C PHE A 413 -22.25 -16.32 13.09
N PRO A 414 -22.98 -16.39 11.96
CA PRO A 414 -22.37 -16.39 10.63
C PRO A 414 -21.53 -15.12 10.43
N LEU A 415 -20.46 -15.25 9.67
CA LEU A 415 -19.49 -14.16 9.46
C LEU A 415 -20.16 -12.99 8.71
N TYR A 416 -20.90 -13.25 7.63
CA TYR A 416 -21.43 -12.18 6.72
C TYR A 416 -22.94 -12.33 6.50
N ASP B 7 -28.77 -3.94 0.92
CA ASP B 7 -28.45 -2.63 0.22
C ASP B 7 -27.62 -1.71 1.12
N TYR B 8 -26.32 -1.96 1.19
CA TYR B 8 -25.36 -1.13 1.96
C TYR B 8 -25.22 0.28 1.39
N LYS B 9 -25.53 0.51 0.10
CA LYS B 9 -25.24 1.80 -0.56
C LYS B 9 -26.20 2.87 -0.07
N ALA B 10 -27.37 2.48 0.42
CA ALA B 10 -28.39 3.44 0.93
C ALA B 10 -27.83 4.21 2.13
N PHE B 11 -27.01 3.55 2.95
CA PHE B 11 -26.41 4.14 4.18
C PHE B 11 -25.49 5.31 3.80
N ASP B 12 -24.80 5.22 2.66
CA ASP B 12 -23.75 6.21 2.30
C ASP B 12 -23.93 6.66 0.85
N PRO B 13 -24.97 7.45 0.52
CA PRO B 13 -25.16 7.91 -0.85
C PRO B 13 -24.03 8.86 -1.32
N GLU B 14 -23.44 9.68 -0.45
CA GLU B 14 -22.43 10.66 -0.97
C GLU B 14 -21.24 9.86 -1.53
N LEU B 15 -20.82 8.80 -0.86
CA LEU B 15 -19.66 7.98 -1.32
C LEU B 15 -20.07 7.22 -2.58
N TRP B 16 -21.17 6.45 -2.53
CA TRP B 16 -21.59 5.58 -3.66
C TRP B 16 -22.04 6.40 -4.89
N ASN B 17 -22.61 7.59 -4.70
CA ASN B 17 -22.88 8.50 -5.86
C ASN B 17 -21.55 8.91 -6.50
N ALA B 18 -20.50 9.16 -5.70
CA ALA B 18 -19.19 9.60 -6.24
C ALA B 18 -18.61 8.45 -7.02
N ILE B 19 -18.74 7.23 -6.54
CA ILE B 19 -18.19 6.09 -7.31
C ILE B 19 -18.93 5.92 -8.66
N ASP B 20 -20.26 6.03 -8.65
CA ASP B 20 -21.07 6.05 -9.91
C ASP B 20 -20.59 7.19 -10.81
N ALA B 21 -20.30 8.38 -10.26
CA ALA B 21 -19.81 9.52 -11.07
C ALA B 21 -18.45 9.20 -11.69
N GLU B 22 -17.58 8.44 -11.00
CA GLU B 22 -16.25 8.09 -11.59
C GLU B 22 -16.43 7.02 -12.68
N ALA B 23 -17.33 6.06 -12.48
CA ALA B 23 -17.63 5.03 -13.52
C ALA B 23 -18.12 5.73 -14.81
N GLU B 24 -18.95 6.76 -14.70
CA GLU B 24 -19.43 7.55 -15.88
C GLU B 24 -18.27 8.33 -16.47
N ARG B 25 -17.49 9.01 -15.64
CA ARG B 25 -16.33 9.82 -16.11
C ARG B 25 -15.40 8.89 -16.91
N GLN B 26 -15.15 7.67 -16.44
CA GLN B 26 -14.22 6.75 -17.14
C GLN B 26 -14.86 6.34 -18.48
N GLN B 27 -16.15 6.02 -18.47
CA GLN B 27 -16.89 5.63 -19.71
C GLN B 27 -16.80 6.75 -20.75
N ASN B 28 -17.01 8.01 -20.37
CA ASN B 28 -17.13 9.16 -21.30
C ASN B 28 -15.79 9.84 -21.58
N ASN B 29 -14.70 9.30 -21.07
CA ASN B 29 -13.34 9.84 -21.25
C ASN B 29 -12.56 8.92 -22.18
C ASN B 29 -12.56 8.92 -22.18
N ILE B 30 -11.75 9.51 -23.07
CA ILE B 30 -10.72 8.79 -23.85
C ILE B 30 -9.46 8.92 -23.01
N GLU B 31 -9.00 7.80 -22.44
CA GLU B 31 -7.85 7.78 -21.49
C GLU B 31 -6.55 7.56 -22.28
N LEU B 32 -5.74 8.60 -22.41
CA LEU B 32 -4.44 8.51 -23.08
C LEU B 32 -3.30 8.67 -22.07
N ILE B 33 -3.58 8.78 -20.75
CA ILE B 33 -2.46 8.83 -19.74
C ILE B 33 -1.76 7.48 -19.82
N ALA B 34 -0.49 7.50 -20.21
CA ALA B 34 0.30 6.36 -20.67
C ALA B 34 0.51 5.30 -19.56
N SER B 35 0.37 5.74 -18.30
CA SER B 35 0.41 4.90 -17.07
C SER B 35 -0.96 4.23 -16.83
N GLU B 36 -2.05 4.72 -17.43
CA GLU B 36 -3.40 4.22 -17.07
C GLU B 36 -3.71 2.92 -17.81
N ASN B 37 -4.67 2.17 -17.28
CA ASN B 37 -5.19 0.96 -17.95
C ASN B 37 -6.62 0.69 -17.47
N VAL B 38 -7.19 -0.42 -17.90
CA VAL B 38 -8.56 -0.86 -17.54
C VAL B 38 -8.42 -2.28 -17.08
N VAL B 39 -8.47 -2.52 -15.77
CA VAL B 39 -8.29 -3.87 -15.22
C VAL B 39 -9.57 -4.67 -15.45
N SER B 40 -9.41 -5.99 -15.48
CA SER B 40 -10.54 -6.94 -15.57
C SER B 40 -11.46 -6.88 -14.33
N LYS B 41 -12.68 -7.34 -14.54
CA LYS B 41 -13.63 -7.51 -13.42
C LYS B 41 -13.03 -8.48 -12.40
N ALA B 42 -12.32 -9.52 -12.86
CA ALA B 42 -11.63 -10.50 -11.97
C ALA B 42 -10.63 -9.79 -11.01
N VAL B 43 -9.83 -8.87 -11.55
CA VAL B 43 -8.81 -8.13 -10.75
C VAL B 43 -9.52 -7.32 -9.65
N MET B 44 -10.54 -6.53 -10.02
CA MET B 44 -11.34 -5.74 -9.07
C MET B 44 -12.00 -6.69 -8.07
N ALA B 45 -12.59 -7.80 -8.52
CA ALA B 45 -13.33 -8.67 -7.59
C ALA B 45 -12.36 -9.22 -6.52
N ALA B 46 -11.15 -9.63 -6.90
CA ALA B 46 -10.16 -10.23 -5.98
C ALA B 46 -9.81 -9.22 -4.88
N GLN B 47 -9.67 -7.93 -5.22
CA GLN B 47 -9.29 -6.93 -4.19
C GLN B 47 -10.52 -6.44 -3.41
N GLY B 48 -11.73 -6.90 -3.78
CA GLY B 48 -12.95 -6.68 -2.97
C GLY B 48 -13.32 -7.86 -2.11
N THR B 49 -12.38 -8.76 -1.78
CA THR B 49 -12.66 -9.98 -0.99
C THR B 49 -12.36 -9.79 0.51
N LEU B 50 -12.76 -10.79 1.30
CA LEU B 50 -12.48 -10.76 2.76
C LEU B 50 -11.03 -11.17 3.07
N LEU B 51 -10.16 -11.34 2.07
CA LEU B 51 -8.69 -11.42 2.31
C LEU B 51 -8.20 -10.17 3.07
N THR B 52 -8.88 -9.03 2.97
CA THR B 52 -8.50 -7.78 3.70
C THR B 52 -8.54 -8.02 5.21
N ASN B 53 -9.32 -9.00 5.69
CA ASN B 53 -9.47 -9.28 7.13
C ASN B 53 -8.24 -10.02 7.69
N LYS B 54 -7.33 -10.57 6.89
CA LYS B 54 -6.26 -11.44 7.46
C LYS B 54 -4.89 -10.72 7.48
N SER B 55 -4.28 -10.57 8.66
CA SER B 55 -2.89 -10.07 8.89
C SER B 55 -1.86 -11.15 8.57
N ALA B 56 -1.04 -10.91 7.55
CA ALA B 56 -0.12 -11.92 6.99
C ALA B 56 1.36 -11.48 7.10
N GLU B 57 1.71 -10.74 8.16
CA GLU B 57 3.11 -10.36 8.47
C GLU B 57 3.98 -11.59 8.28
N GLY B 58 5.04 -11.46 7.49
CA GLY B 58 5.96 -12.58 7.19
C GLY B 58 5.81 -13.03 5.77
N TYR B 59 6.18 -14.28 5.51
CA TYR B 59 6.21 -14.88 4.17
C TYR B 59 5.58 -16.26 4.24
N PRO B 60 5.15 -16.82 3.11
CA PRO B 60 4.52 -18.15 3.11
C PRO B 60 5.30 -19.19 3.90
N GLY B 61 4.64 -19.81 4.87
CA GLY B 61 5.19 -20.90 5.71
C GLY B 61 6.00 -20.34 6.87
N LYS B 62 6.10 -19.01 6.98
CA LYS B 62 6.96 -18.30 7.95
C LYS B 62 6.21 -17.04 8.37
N ARG B 63 4.96 -17.19 8.75
CA ARG B 63 4.11 -16.04 9.15
C ARG B 63 4.27 -15.78 10.64
N TYR B 64 4.06 -14.55 11.06
CA TYR B 64 3.96 -14.18 12.49
C TYR B 64 2.74 -14.91 13.10
N TYR B 65 1.63 -15.13 12.37
CA TYR B 65 0.36 -15.68 12.93
C TYR B 65 -0.08 -16.93 12.18
N GLY B 66 -1.00 -17.65 12.81
CA GLY B 66 -1.54 -18.91 12.27
C GLY B 66 -2.83 -18.65 11.49
N GLY B 67 -3.47 -19.73 11.03
CA GLY B 67 -4.66 -19.64 10.16
C GLY B 67 -4.36 -18.89 8.86
N THR B 68 -3.11 -19.01 8.39
CA THR B 68 -2.52 -18.31 7.23
C THR B 68 -2.24 -19.33 6.14
N ALA B 69 -2.70 -20.57 6.29
CA ALA B 69 -2.36 -21.62 5.28
C ALA B 69 -3.09 -21.34 3.96
N VAL B 70 -4.25 -20.68 3.95
CA VAL B 70 -4.91 -20.38 2.65
C VAL B 70 -4.27 -19.11 2.05
N ILE B 71 -4.03 -18.09 2.86
CA ILE B 71 -3.28 -16.87 2.43
C ILE B 71 -1.99 -17.35 1.73
N ASP B 72 -1.31 -18.33 2.33
CA ASP B 72 0.00 -18.84 1.80
C ASP B 72 -0.19 -19.40 0.40
N VAL B 73 -1.32 -20.08 0.15
CA VAL B 73 -1.56 -20.61 -1.21
C VAL B 73 -1.72 -19.43 -2.16
N VAL B 74 -2.49 -18.42 -1.77
CA VAL B 74 -2.75 -17.25 -2.65
C VAL B 74 -1.41 -16.54 -2.93
N GLU B 75 -0.62 -16.25 -1.89
CA GLU B 75 0.61 -15.46 -2.13
C GLU B 75 1.57 -16.30 -2.98
N THR B 76 1.63 -17.62 -2.72
CA THR B 76 2.54 -18.51 -3.51
C THR B 76 2.08 -18.53 -4.98
N LEU B 77 0.78 -18.54 -5.30
CA LEU B 77 0.32 -18.44 -6.71
C LEU B 77 0.85 -17.14 -7.31
N ALA B 78 0.73 -16.01 -6.62
CA ALA B 78 1.25 -14.73 -7.19
C ALA B 78 2.76 -14.87 -7.47
N ILE B 79 3.52 -15.46 -6.54
CA ILE B 79 5.00 -15.55 -6.65
C ILE B 79 5.32 -16.46 -7.85
N GLU B 80 4.71 -17.63 -7.88
CA GLU B 80 4.98 -18.67 -8.93
C GLU B 80 4.63 -18.12 -10.30
N ARG B 81 3.52 -17.41 -10.40
CA ARG B 81 3.11 -16.80 -11.67
C ARG B 81 4.08 -15.68 -12.08
N ALA B 82 4.58 -14.85 -11.16
CA ALA B 82 5.54 -13.77 -11.52
C ALA B 82 6.82 -14.42 -12.06
N LYS B 83 7.30 -15.44 -11.36
CA LYS B 83 8.53 -16.20 -11.72
C LYS B 83 8.36 -16.78 -13.15
N LYS B 84 7.26 -17.50 -13.39
CA LYS B 84 6.98 -18.12 -14.72
C LYS B 84 6.82 -17.05 -15.80
N LEU B 85 6.00 -16.02 -15.59
CA LEU B 85 5.76 -14.98 -16.60
C LEU B 85 7.07 -14.28 -16.97
N PHE B 86 7.96 -13.95 -16.03
CA PHE B 86 9.14 -13.08 -16.32
C PHE B 86 10.46 -13.87 -16.42
N GLY B 87 10.43 -15.17 -16.17
CA GLY B 87 11.61 -16.07 -16.16
C GLY B 87 12.57 -15.75 -15.03
N ALA B 88 12.08 -15.42 -13.84
CA ALA B 88 12.95 -15.08 -12.67
C ALA B 88 12.92 -16.24 -11.69
N LYS B 89 14.02 -16.47 -11.01
CA LYS B 89 14.13 -17.56 -10.01
C LYS B 89 13.45 -17.13 -8.71
N PHE B 90 13.32 -15.83 -8.47
CA PHE B 90 12.76 -15.31 -7.18
C PHE B 90 11.82 -14.13 -7.50
N ALA B 91 10.76 -14.05 -6.71
CA ALA B 91 9.83 -12.91 -6.76
C ALA B 91 9.37 -12.56 -5.34
N ASN B 92 9.14 -11.26 -5.17
CA ASN B 92 8.49 -10.72 -3.94
C ASN B 92 7.25 -9.97 -4.43
N VAL B 93 6.09 -10.41 -3.95
CA VAL B 93 4.81 -9.77 -4.40
C VAL B 93 4.22 -8.86 -3.32
N GLN B 94 4.91 -8.61 -2.21
CA GLN B 94 4.36 -7.82 -1.10
C GLN B 94 4.46 -6.30 -1.29
N PRO B 95 5.34 -5.67 -2.09
CA PRO B 95 5.45 -4.20 -2.04
C PRO B 95 4.11 -3.52 -2.30
N HIS B 96 3.76 -2.51 -1.50
CA HIS B 96 2.45 -1.83 -1.63
C HIS B 96 2.40 -1.05 -2.95
N SER B 97 3.54 -0.76 -3.57
CA SER B 97 3.60 0.21 -4.68
C SER B 97 4.94 0.05 -5.41
N GLY B 98 5.07 0.72 -6.54
CA GLY B 98 6.36 0.77 -7.25
C GLY B 98 7.40 1.51 -6.42
N SER B 99 7.00 2.58 -5.74
CA SER B 99 7.91 3.38 -4.88
C SER B 99 8.44 2.51 -3.75
N GLN B 100 7.58 1.74 -3.08
CA GLN B 100 7.99 0.81 -2.00
C GLN B 100 8.88 -0.31 -2.59
N ALA B 101 8.61 -0.82 -3.77
CA ALA B 101 9.49 -1.85 -4.36
C ALA B 101 10.89 -1.22 -4.52
N ASN B 102 10.97 -0.02 -5.06
CA ASN B 102 12.29 0.60 -5.34
C ASN B 102 13.04 0.82 -4.01
N ALA B 103 12.35 1.35 -3.00
CA ALA B 103 12.95 1.60 -1.68
C ALA B 103 13.57 0.29 -1.16
N ALA B 104 12.89 -0.84 -1.26
CA ALA B 104 13.42 -2.13 -0.73
C ALA B 104 14.70 -2.53 -1.47
N VAL B 105 14.73 -2.31 -2.77
CA VAL B 105 15.95 -2.68 -3.57
C VAL B 105 17.15 -1.82 -3.11
N TYR B 106 16.98 -0.51 -2.95
CA TYR B 106 18.09 0.36 -2.51
C TYR B 106 18.56 -0.11 -1.13
N MET B 107 17.62 -0.41 -0.26
CA MET B 107 17.92 -0.90 1.11
C MET B 107 18.68 -2.22 1.05
N SER B 108 18.49 -3.01 0.02
CA SER B 108 19.13 -4.33 -0.10
C SER B 108 20.55 -4.23 -0.70
N LEU B 109 20.81 -3.31 -1.62
CA LEU B 109 22.04 -3.33 -2.46
C LEU B 109 23.03 -2.24 -2.05
N ILE B 110 22.61 -1.11 -1.48
CA ILE B 110 23.52 0.05 -1.21
C ILE B 110 23.26 0.58 0.20
N GLN B 111 24.01 1.61 0.59
CA GLN B 111 23.87 2.28 1.91
C GLN B 111 23.59 3.76 1.70
N PRO B 112 23.01 4.43 2.72
CA PRO B 112 22.85 5.87 2.65
C PRO B 112 24.17 6.55 2.25
N GLY B 113 24.13 7.57 1.39
CA GLY B 113 25.35 8.29 0.96
C GLY B 113 26.03 7.66 -0.25
N ASP B 114 25.71 6.41 -0.60
CA ASP B 114 26.26 5.74 -1.80
C ASP B 114 25.81 6.49 -3.05
N THR B 115 26.65 6.49 -4.09
CA THR B 115 26.35 7.16 -5.35
C THR B 115 25.59 6.18 -6.27
N VAL B 116 24.54 6.73 -6.90
CA VAL B 116 23.63 6.04 -7.84
C VAL B 116 23.49 6.93 -9.08
N MET B 117 23.51 6.30 -10.23
CA MET B 117 23.14 6.92 -11.52
C MET B 117 21.73 6.47 -11.92
N GLY B 118 20.86 7.43 -12.21
CA GLY B 118 19.52 7.18 -12.73
C GLY B 118 19.24 8.14 -13.88
N MET B 119 18.19 7.84 -14.64
CA MET B 119 17.85 8.69 -15.82
C MET B 119 17.32 10.01 -15.34
N ASP B 120 17.77 11.10 -15.96
CA ASP B 120 17.33 12.48 -15.68
C ASP B 120 15.80 12.52 -15.63
N LEU B 121 15.24 13.23 -14.67
CA LEU B 121 13.79 13.36 -14.44
C LEU B 121 13.16 14.03 -15.67
N SER B 122 13.86 14.94 -16.37
CA SER B 122 13.36 15.61 -17.60
C SER B 122 13.30 14.65 -18.79
N ALA B 123 14.01 13.52 -18.75
CA ALA B 123 14.07 12.54 -19.86
C ALA B 123 13.32 11.27 -19.47
N GLY B 124 12.62 11.29 -18.32
CA GLY B 124 11.65 10.25 -17.94
C GLY B 124 12.07 9.38 -16.75
N GLY B 125 13.11 9.77 -16.00
CA GLY B 125 13.39 9.11 -14.71
C GLY B 125 12.23 9.35 -13.75
N HIS B 126 11.91 8.39 -12.90
CA HIS B 126 10.85 8.51 -11.87
C HIS B 126 11.34 9.34 -10.69
N LEU B 127 10.40 9.93 -9.90
CA LEU B 127 10.71 10.58 -8.60
C LEU B 127 11.64 9.68 -7.75
N THR B 128 11.39 8.37 -7.70
CA THR B 128 12.13 7.41 -6.86
C THR B 128 13.51 7.08 -7.47
N HIS B 129 13.85 7.67 -8.61
CA HIS B 129 15.20 7.53 -9.25
C HIS B 129 16.03 8.76 -8.92
N GLY B 130 15.77 9.44 -7.81
CA GLY B 130 16.73 10.44 -7.26
C GLY B 130 16.21 11.85 -7.23
N ALA B 131 14.90 12.09 -7.26
CA ALA B 131 14.40 13.46 -7.05
C ALA B 131 14.82 13.95 -5.66
N PRO B 132 15.19 15.24 -5.50
CA PRO B 132 15.58 15.75 -4.19
C PRO B 132 14.45 15.76 -3.14
N VAL B 133 13.20 15.72 -3.60
CA VAL B 133 11.98 15.69 -2.75
C VAL B 133 11.54 14.23 -2.44
N SER B 134 12.18 13.24 -3.06
CA SER B 134 11.96 11.80 -2.82
C SER B 134 12.93 11.34 -1.75
N PHE B 135 12.54 10.32 -0.98
CA PHE B 135 13.49 9.59 -0.10
C PHE B 135 14.73 9.17 -0.91
N SER B 136 14.58 8.88 -2.21
CA SER B 136 15.69 8.43 -3.08
C SER B 136 16.86 9.45 -3.09
N GLY B 137 16.62 10.71 -3.49
CA GLY B 137 17.60 11.82 -3.46
C GLY B 137 17.98 12.23 -2.06
N LYS B 138 17.10 12.05 -1.09
CA LYS B 138 17.37 12.47 0.30
C LYS B 138 18.36 11.53 0.94
N THR B 139 18.33 10.25 0.59
CA THR B 139 19.12 9.20 1.26
C THR B 139 20.41 8.89 0.48
N TYR B 140 20.36 8.91 -0.84
CA TYR B 140 21.44 8.41 -1.71
C TYR B 140 21.88 9.57 -2.61
N ASN B 141 23.13 9.52 -3.07
CA ASN B 141 23.70 10.61 -3.92
C ASN B 141 23.44 10.28 -5.40
N PHE B 142 22.32 10.74 -5.92
CA PHE B 142 21.87 10.39 -7.28
C PHE B 142 22.50 11.39 -8.25
N VAL B 143 23.07 10.89 -9.32
CA VAL B 143 23.72 11.71 -10.37
C VAL B 143 23.12 11.21 -11.68
N SER B 144 22.47 12.08 -12.44
CA SER B 144 21.65 11.62 -13.57
C SER B 144 22.54 11.43 -14.80
N TYR B 145 22.14 10.48 -15.64
CA TYR B 145 22.49 10.41 -17.07
C TYR B 145 21.28 10.94 -17.86
N ASN B 146 21.52 11.37 -19.08
CA ASN B 146 20.50 12.06 -19.92
C ASN B 146 20.42 11.30 -21.25
N VAL B 147 19.57 11.77 -22.14
CA VAL B 147 19.60 11.33 -23.58
C VAL B 147 20.49 12.32 -24.37
N ASP B 148 20.97 11.87 -25.53
CA ASP B 148 21.67 12.74 -26.52
C ASP B 148 20.79 13.96 -26.85
N LYS B 149 21.32 15.17 -26.80
CA LYS B 149 20.54 16.41 -27.07
C LYS B 149 20.00 16.40 -28.51
N GLU B 150 20.75 15.84 -29.47
CA GLU B 150 20.37 15.83 -30.92
C GLU B 150 19.32 14.73 -31.12
N SER B 151 19.70 13.46 -30.97
CA SER B 151 18.87 12.28 -31.29
C SER B 151 17.77 12.04 -30.25
N GLU B 152 17.91 12.57 -29.02
CA GLU B 152 16.99 12.29 -27.88
C GLU B 152 16.99 10.77 -27.58
N LEU B 153 18.06 10.08 -27.96
CA LEU B 153 18.29 8.65 -27.62
C LEU B 153 19.33 8.56 -26.49
N LEU B 154 19.23 7.46 -25.75
CA LEU B 154 20.27 7.02 -24.78
C LEU B 154 21.57 6.78 -25.55
N ASP B 155 22.67 7.34 -25.09
CA ASP B 155 23.98 7.12 -25.74
C ASP B 155 24.80 6.23 -24.80
N TYR B 156 24.83 4.92 -25.05
CA TYR B 156 25.47 3.95 -24.16
C TYR B 156 26.97 4.25 -24.05
N ASP B 157 27.59 4.89 -25.05
CA ASP B 157 29.05 5.21 -25.01
C ASP B 157 29.25 6.36 -24.04
N ALA B 158 28.42 7.39 -24.13
CA ALA B 158 28.42 8.58 -23.23
C ALA B 158 28.12 8.11 -21.78
N ILE B 159 27.16 7.21 -21.62
CA ILE B 159 26.75 6.72 -20.28
C ILE B 159 27.91 5.90 -19.68
N LEU B 160 28.61 5.10 -20.49
CA LEU B 160 29.80 4.32 -20.03
C LEU B 160 30.88 5.29 -19.51
N ALA B 161 31.19 6.33 -20.28
CA ALA B 161 32.23 7.33 -19.91
C ALA B 161 31.81 7.99 -18.59
N GLN B 162 30.53 8.37 -18.44
CA GLN B 162 30.05 9.01 -17.18
C GLN B 162 30.21 8.06 -16.00
N ALA B 163 29.82 6.80 -16.16
CA ALA B 163 29.92 5.77 -15.10
C ALA B 163 31.37 5.56 -14.66
N LYS B 164 32.32 5.51 -15.62
CA LYS B 164 33.78 5.37 -15.32
C LYS B 164 34.28 6.56 -14.48
N GLU B 165 33.68 7.74 -14.64
CA GLU B 165 34.01 8.97 -13.90
C GLU B 165 33.27 9.04 -12.54
N VAL B 166 31.99 8.69 -12.50
CA VAL B 166 31.17 8.82 -11.25
C VAL B 166 31.43 7.64 -10.32
N ARG B 167 31.64 6.43 -10.85
CA ARG B 167 31.85 5.19 -10.07
C ARG B 167 30.65 4.90 -9.16
N PRO B 168 29.42 4.83 -9.68
CA PRO B 168 28.26 4.62 -8.81
C PRO B 168 28.32 3.19 -8.23
N LYS B 169 27.68 2.94 -7.09
CA LYS B 169 27.52 1.57 -6.54
C LYS B 169 26.39 0.84 -7.28
N LEU B 170 25.49 1.61 -7.86
CA LEU B 170 24.22 1.13 -8.48
C LEU B 170 23.90 2.04 -9.67
N ILE B 171 23.47 1.42 -10.77
CA ILE B 171 22.85 2.10 -11.92
C ILE B 171 21.39 1.66 -11.99
N VAL B 172 20.53 2.65 -12.10
CA VAL B 172 19.06 2.48 -12.26
C VAL B 172 18.76 2.82 -13.72
N ALA B 173 18.12 1.89 -14.43
CA ALA B 173 17.58 2.06 -15.80
C ALA B 173 16.06 1.85 -15.82
N GLY B 174 15.38 2.45 -16.79
CA GLY B 174 13.91 2.40 -16.90
C GLY B 174 13.36 3.80 -16.76
N ALA B 175 12.17 4.04 -17.30
CA ALA B 175 11.66 5.41 -17.54
C ALA B 175 10.14 5.44 -17.64
N SER B 176 9.61 6.64 -17.51
CA SER B 176 8.16 6.97 -17.54
C SER B 176 7.82 7.69 -18.86
N ALA B 177 8.81 8.14 -19.61
CA ALA B 177 8.59 9.04 -20.76
C ALA B 177 9.59 8.78 -21.90
N TYR B 178 10.07 7.56 -22.08
CA TYR B 178 11.07 7.22 -23.13
C TYR B 178 10.44 6.19 -24.07
N SER B 179 10.39 6.57 -25.36
CA SER B 179 9.57 5.92 -26.42
C SER B 179 10.33 4.75 -27.04
N ARG B 180 11.64 4.68 -26.84
CA ARG B 180 12.51 3.73 -27.58
C ARG B 180 12.91 2.53 -26.72
N ILE B 181 13.41 1.49 -27.38
CA ILE B 181 13.82 0.22 -26.76
C ILE B 181 15.05 0.54 -25.90
N ILE B 182 15.01 0.21 -24.62
CA ILE B 182 16.18 0.38 -23.71
C ILE B 182 17.02 -0.88 -23.85
N ASP B 183 18.34 -0.73 -24.07
CA ASP B 183 19.22 -1.91 -24.26
C ASP B 183 19.74 -2.36 -22.88
N PHE B 184 19.09 -3.36 -22.28
CA PHE B 184 19.41 -3.84 -20.93
C PHE B 184 20.77 -4.55 -20.95
N ALA B 185 21.11 -5.21 -22.06
CA ALA B 185 22.43 -5.88 -22.19
C ALA B 185 23.56 -4.85 -22.08
N LYS B 186 23.41 -3.69 -22.72
CA LYS B 186 24.40 -2.60 -22.66
C LYS B 186 24.42 -1.99 -21.25
N PHE B 187 23.27 -1.79 -20.62
CA PHE B 187 23.23 -1.27 -19.23
C PHE B 187 24.04 -2.20 -18.34
N ARG B 188 23.86 -3.52 -18.45
CA ARG B 188 24.63 -4.50 -17.65
C ARG B 188 26.13 -4.40 -17.98
N GLU B 189 26.50 -4.10 -19.22
CA GLU B 189 27.94 -4.01 -19.61
C GLU B 189 28.55 -2.82 -18.87
N ILE B 190 27.82 -1.71 -18.86
CA ILE B 190 28.23 -0.46 -18.19
C ILE B 190 28.38 -0.72 -16.69
N ALA B 191 27.38 -1.33 -16.07
CA ALA B 191 27.49 -1.64 -14.62
C ALA B 191 28.72 -2.51 -14.38
N ASP B 192 28.91 -3.53 -15.20
CA ASP B 192 30.01 -4.51 -15.05
C ASP B 192 31.37 -3.80 -15.19
N ALA B 193 31.48 -2.86 -16.10
CA ALA B 193 32.72 -2.09 -16.35
C ALA B 193 33.13 -1.37 -15.07
N VAL B 194 32.20 -0.93 -14.20
CA VAL B 194 32.51 -0.20 -12.94
C VAL B 194 32.18 -1.01 -11.68
N GLY B 195 31.81 -2.28 -11.76
CA GLY B 195 31.45 -3.14 -10.60
C GLY B 195 30.18 -2.68 -9.86
N ALA B 196 29.32 -1.91 -10.53
CA ALA B 196 27.99 -1.48 -10.03
C ALA B 196 26.96 -2.60 -10.17
N TYR B 197 25.96 -2.54 -9.31
CA TYR B 197 24.71 -3.33 -9.50
C TYR B 197 23.92 -2.63 -10.61
N LEU B 198 23.05 -3.38 -11.28
CA LEU B 198 22.07 -2.81 -12.24
C LEU B 198 20.68 -3.15 -11.72
N MET B 199 19.89 -2.11 -11.48
CA MET B 199 18.46 -2.25 -11.16
C MET B 199 17.74 -1.73 -12.38
N VAL B 200 16.75 -2.49 -12.86
CA VAL B 200 15.78 -1.97 -13.86
C VAL B 200 14.39 -1.81 -13.24
N ASP B 201 13.85 -0.60 -13.31
CA ASP B 201 12.45 -0.27 -13.01
C ASP B 201 11.67 -0.32 -14.34
N MET B 202 11.02 -1.44 -14.62
CA MET B 202 10.27 -1.67 -15.89
C MET B 202 8.79 -1.35 -15.74
N ALA B 203 8.41 -0.53 -14.76
CA ALA B 203 6.97 -0.24 -14.49
C ALA B 203 6.21 0.07 -15.80
N HIS B 204 6.67 0.99 -16.63
CA HIS B 204 5.91 1.42 -17.84
C HIS B 204 5.82 0.26 -18.84
N ILE B 205 6.84 -0.59 -18.92
CA ILE B 205 6.96 -1.55 -20.07
C ILE B 205 6.72 -2.98 -19.64
N ALA B 206 6.35 -3.27 -18.37
CA ALA B 206 6.27 -4.67 -17.89
C ALA B 206 5.26 -5.50 -18.71
N GLY B 207 4.13 -4.89 -19.11
CA GLY B 207 3.13 -5.55 -20.02
C GLY B 207 3.73 -5.95 -21.37
N LEU B 208 4.48 -5.04 -21.99
CA LEU B 208 5.21 -5.27 -23.26
C LEU B 208 6.31 -6.30 -23.06
N VAL B 209 6.98 -6.31 -21.89
CA VAL B 209 7.98 -7.36 -21.59
C VAL B 209 7.22 -8.68 -21.54
N ALA B 210 6.12 -8.72 -20.81
CA ALA B 210 5.33 -9.94 -20.60
C ALA B 210 4.77 -10.42 -21.95
N SER B 211 4.41 -9.51 -22.87
CA SER B 211 3.75 -9.89 -24.15
C SER B 211 4.79 -10.28 -25.21
N GLY B 212 6.08 -10.07 -24.97
CA GLY B 212 7.15 -10.29 -25.95
C GLY B 212 7.44 -9.08 -26.85
N HIS B 213 6.84 -7.91 -26.63
CA HIS B 213 7.09 -6.73 -27.52
C HIS B 213 8.22 -5.82 -27.03
N HIS B 214 8.80 -6.04 -25.84
CA HIS B 214 10.02 -5.33 -25.38
C HIS B 214 10.96 -6.40 -24.87
N PRO B 215 12.25 -6.39 -25.23
CA PRO B 215 13.19 -7.35 -24.65
C PRO B 215 13.22 -7.18 -23.10
N SER B 216 13.39 -8.28 -22.37
CA SER B 216 13.27 -8.36 -20.90
C SER B 216 14.52 -7.80 -20.27
N PRO B 217 14.42 -7.02 -19.18
CA PRO B 217 15.61 -6.68 -18.39
C PRO B 217 16.02 -7.83 -17.47
N VAL B 218 15.19 -8.86 -17.33
CA VAL B 218 15.32 -9.78 -16.18
C VAL B 218 16.64 -10.55 -16.25
N PRO B 219 17.12 -11.02 -17.44
CA PRO B 219 18.41 -11.70 -17.50
C PRO B 219 19.64 -10.79 -17.27
N TYR B 220 19.48 -9.48 -17.34
CA TYR B 220 20.59 -8.47 -17.34
C TYR B 220 20.66 -7.71 -16.01
N ALA B 221 19.52 -7.36 -15.41
CA ALA B 221 19.50 -6.59 -14.13
C ALA B 221 19.80 -7.56 -12.99
N HIS B 222 20.57 -7.12 -12.00
CA HIS B 222 20.68 -7.85 -10.73
C HIS B 222 19.29 -7.96 -10.11
N VAL B 223 18.53 -6.87 -10.20
CA VAL B 223 17.15 -6.82 -9.63
C VAL B 223 16.29 -6.01 -10.57
N THR B 224 15.07 -6.50 -10.81
CA THR B 224 14.04 -5.82 -11.62
C THR B 224 12.87 -5.51 -10.70
N THR B 225 12.43 -4.26 -10.71
CA THR B 225 11.21 -3.81 -10.03
C THR B 225 10.16 -3.46 -11.09
N THR B 226 8.89 -3.51 -10.70
CA THR B 226 7.79 -3.00 -11.53
C THR B 226 6.58 -2.70 -10.63
N THR B 227 5.73 -1.81 -11.10
CA THR B 227 4.29 -1.77 -10.74
C THR B 227 3.57 -2.99 -11.35
N THR B 228 2.54 -3.47 -10.68
CA THR B 228 1.62 -4.50 -11.21
C THR B 228 0.58 -3.80 -12.12
N HIS B 229 0.30 -2.51 -11.90
CA HIS B 229 -0.54 -1.65 -12.77
C HIS B 229 0.34 -1.10 -13.93
N LYS B 230 -0.28 -0.30 -14.82
CA LYS B 230 0.29 0.24 -16.09
C LYS B 230 0.12 -0.83 -17.19
N THR B 231 1.13 -1.05 -18.04
CA THR B 231 0.95 -1.95 -19.21
C THR B 231 0.65 -3.36 -18.76
N LEU B 232 1.09 -3.80 -17.56
CA LEU B 232 0.83 -5.19 -17.10
C LEU B 232 -0.67 -5.35 -16.80
N ARG B 233 -1.43 -4.27 -16.60
CA ARG B 233 -2.91 -4.28 -16.45
C ARG B 233 -3.34 -5.02 -15.19
N GLY B 234 -2.57 -4.85 -14.12
CA GLY B 234 -2.90 -5.41 -12.82
C GLY B 234 -3.43 -4.37 -11.85
N PRO B 235 -3.66 -4.81 -10.60
CA PRO B 235 -4.02 -3.90 -9.53
C PRO B 235 -2.83 -2.99 -9.20
N ARG B 236 -3.07 -1.88 -8.52
CA ARG B 236 -1.96 -0.98 -8.09
C ARG B 236 -1.13 -1.68 -6.99
N GLY B 237 0.17 -1.77 -7.19
CA GLY B 237 1.09 -2.49 -6.28
C GLY B 237 2.45 -2.60 -6.91
N GLY B 238 3.39 -3.24 -6.22
CA GLY B 238 4.76 -3.43 -6.71
C GLY B 238 5.13 -4.89 -6.73
N LEU B 239 6.26 -5.16 -7.37
CA LEU B 239 6.78 -6.54 -7.54
C LEU B 239 8.29 -6.42 -7.73
N ILE B 240 9.03 -7.36 -7.15
CA ILE B 240 10.52 -7.42 -7.25
C ILE B 240 10.89 -8.81 -7.75
N LEU B 241 11.78 -8.85 -8.74
CA LEU B 241 12.31 -10.09 -9.37
C LEU B 241 13.84 -10.11 -9.26
N THR B 242 14.41 -11.27 -9.02
CA THR B 242 15.87 -11.49 -9.13
C THR B 242 16.16 -12.95 -9.42
N ASP B 243 17.33 -13.22 -10.00
CA ASP B 243 17.84 -14.59 -10.17
C ASP B 243 18.86 -14.95 -9.10
N ASP B 244 19.29 -14.00 -8.27
CA ASP B 244 20.35 -14.24 -7.26
C ASP B 244 19.71 -14.57 -5.90
N GLU B 245 19.99 -15.75 -5.35
CA GLU B 245 19.33 -16.23 -4.12
C GLU B 245 19.72 -15.38 -2.89
N ASP B 246 20.97 -14.96 -2.80
CA ASP B 246 21.44 -14.12 -1.67
C ASP B 246 20.77 -12.76 -1.73
N ILE B 247 20.64 -12.22 -2.93
CA ILE B 247 19.97 -10.89 -3.08
C ILE B 247 18.50 -11.07 -2.69
N ALA B 248 17.90 -12.19 -3.09
CA ALA B 248 16.46 -12.48 -2.83
C ALA B 248 16.19 -12.43 -1.32
N LYS B 249 17.07 -13.06 -0.52
CA LYS B 249 16.94 -13.04 0.96
C LYS B 249 16.97 -11.60 1.48
N LYS B 250 17.90 -10.78 0.98
CA LYS B 250 18.04 -9.37 1.43
C LYS B 250 16.77 -8.60 1.05
N LEU B 251 16.31 -8.79 -0.18
CA LEU B 251 15.07 -8.16 -0.68
C LEU B 251 13.89 -8.53 0.21
N ASN B 252 13.70 -9.82 0.49
CA ASN B 252 12.62 -10.28 1.39
C ASN B 252 12.67 -9.58 2.77
N SER B 253 13.83 -9.52 3.40
CA SER B 253 14.03 -8.81 4.69
C SER B 253 13.75 -7.31 4.57
N ALA B 254 14.17 -6.70 3.48
CA ALA B 254 14.01 -5.24 3.28
C ALA B 254 12.51 -4.89 3.15
N VAL B 255 11.76 -5.69 2.41
CA VAL B 255 10.30 -5.43 2.25
C VAL B 255 9.62 -5.59 3.60
N PHE B 256 9.92 -6.66 4.32
CA PHE B 256 9.35 -6.96 5.63
C PHE B 256 10.36 -7.74 6.46
N PRO B 257 10.72 -7.33 7.70
CA PRO B 257 10.22 -6.14 8.37
C PRO B 257 10.97 -4.81 8.16
N GLY B 258 11.78 -4.71 7.11
CA GLY B 258 12.55 -3.48 6.79
C GLY B 258 11.68 -2.27 6.58
N LEU B 259 10.73 -2.32 5.63
CA LEU B 259 10.03 -1.12 5.16
C LEU B 259 8.54 -1.17 5.48
N GLN B 260 7.91 -2.34 5.33
CA GLN B 260 6.45 -2.55 5.43
C GLN B 260 6.14 -3.37 6.68
N GLY B 261 4.87 -3.40 7.02
CA GLY B 261 4.33 -4.41 7.96
C GLY B 261 3.53 -5.45 7.19
N GLY B 262 2.27 -5.60 7.52
CA GLY B 262 1.44 -6.66 6.91
C GLY B 262 1.22 -6.32 5.44
N PRO B 263 1.28 -7.30 4.52
CA PRO B 263 0.90 -7.09 3.13
C PRO B 263 -0.61 -7.07 2.88
N LEU B 264 -0.98 -6.54 1.72
CA LEU B 264 -2.40 -6.39 1.29
C LEU B 264 -2.74 -7.69 0.53
N GLU B 265 -3.18 -8.73 1.24
CA GLU B 265 -3.32 -10.09 0.62
C GLU B 265 -4.47 -10.09 -0.41
N HIS B 266 -5.47 -9.23 -0.25
CA HIS B 266 -6.56 -9.04 -1.26
C HIS B 266 -5.94 -8.49 -2.55
N VAL B 267 -4.97 -7.58 -2.40
CA VAL B 267 -4.32 -6.97 -3.57
C VAL B 267 -3.42 -8.03 -4.19
N ILE B 268 -2.73 -8.82 -3.37
CA ILE B 268 -1.87 -9.92 -3.87
C ILE B 268 -2.73 -10.94 -4.61
N ALA B 269 -3.94 -11.23 -4.14
CA ALA B 269 -4.84 -12.15 -4.91
C ALA B 269 -5.07 -11.53 -6.29
N ALA B 270 -5.31 -10.22 -6.37
CA ALA B 270 -5.52 -9.51 -7.64
C ALA B 270 -4.26 -9.52 -8.48
N LYS B 271 -3.06 -9.50 -7.86
CA LYS B 271 -1.80 -9.64 -8.62
C LYS B 271 -1.80 -11.04 -9.26
N ALA B 272 -2.14 -12.08 -8.51
CA ALA B 272 -2.15 -13.47 -9.02
C ALA B 272 -3.13 -13.55 -10.21
N VAL B 273 -4.26 -12.85 -10.13
CA VAL B 273 -5.31 -12.87 -11.19
C VAL B 273 -4.69 -12.26 -12.46
N ALA B 274 -4.10 -11.05 -12.34
CA ALA B 274 -3.53 -10.28 -13.46
C ALA B 274 -2.37 -11.05 -14.10
N LEU B 275 -1.58 -11.74 -13.30
CA LEU B 275 -0.40 -12.46 -13.82
C LEU B 275 -0.88 -13.67 -14.64
N LYS B 276 -1.90 -14.39 -14.18
CA LYS B 276 -2.52 -15.50 -14.97
C LYS B 276 -3.05 -14.90 -16.30
N GLU B 277 -3.74 -13.77 -16.26
CA GLU B 277 -4.19 -13.08 -17.50
C GLU B 277 -3.03 -12.79 -18.46
N ALA B 278 -1.87 -12.36 -17.96
CA ALA B 278 -0.72 -11.95 -18.81
C ALA B 278 -0.05 -13.20 -19.37
N LEU B 279 -0.20 -14.35 -18.72
CA LEU B 279 0.36 -15.66 -19.16
C LEU B 279 -0.47 -16.22 -20.32
N ASP B 280 -1.68 -15.72 -20.53
CA ASP B 280 -2.61 -16.19 -21.59
C ASP B 280 -2.14 -15.72 -22.96
N PRO B 281 -2.19 -16.60 -24.00
CA PRO B 281 -1.94 -16.19 -25.39
C PRO B 281 -2.63 -14.91 -25.83
N ALA B 282 -3.83 -14.58 -25.34
CA ALA B 282 -4.52 -13.32 -25.71
C ALA B 282 -3.69 -12.11 -25.32
N PHE B 283 -2.82 -12.24 -24.29
CA PHE B 283 -2.03 -11.08 -23.80
C PHE B 283 -1.03 -10.66 -24.88
N LYS B 284 -0.50 -11.60 -25.67
CA LYS B 284 0.40 -11.27 -26.81
C LYS B 284 -0.32 -10.36 -27.82
N GLU B 285 -1.60 -10.63 -28.07
CA GLU B 285 -2.41 -9.85 -29.04
C GLU B 285 -2.68 -8.48 -28.45
N TYR B 286 -2.92 -8.41 -27.13
CA TYR B 286 -3.00 -7.10 -26.43
C TYR B 286 -1.74 -6.29 -26.71
N GLY B 287 -0.57 -6.87 -26.44
CA GLY B 287 0.71 -6.14 -26.62
C GLY B 287 0.84 -5.65 -28.05
N GLU B 288 0.56 -6.52 -29.01
CA GLU B 288 0.58 -6.23 -30.47
C GLU B 288 -0.27 -4.97 -30.69
N ASN B 289 -1.49 -4.95 -30.19
CA ASN B 289 -2.35 -3.76 -30.43
C ASN B 289 -1.82 -2.52 -29.71
N VAL B 290 -1.22 -2.68 -28.53
CA VAL B 290 -0.71 -1.49 -27.80
C VAL B 290 0.34 -0.81 -28.69
N ILE B 291 1.25 -1.58 -29.27
CA ILE B 291 2.36 -1.05 -30.15
C ILE B 291 1.74 -0.35 -31.37
N LYS B 292 0.87 -1.07 -32.06
CA LYS B 292 0.23 -0.58 -33.31
C LYS B 292 -0.49 0.74 -33.02
N ASN B 293 -1.33 0.78 -31.96
CA ASN B 293 -2.19 1.94 -31.64
C ASN B 293 -1.28 3.12 -31.32
N ALA B 294 -0.17 2.91 -30.61
CA ALA B 294 0.70 4.06 -30.24
C ALA B 294 1.38 4.59 -31.51
N ALA B 295 1.93 3.70 -32.36
CA ALA B 295 2.56 4.04 -33.67
C ALA B 295 1.57 4.89 -34.51
N ALA B 296 0.33 4.41 -34.62
CA ALA B 296 -0.78 5.09 -35.33
C ALA B 296 -0.91 6.54 -34.85
N MET B 297 -1.02 6.77 -33.54
CA MET B 297 -1.19 8.15 -33.00
C MET B 297 0.09 8.95 -33.25
N ALA B 298 1.25 8.33 -33.09
CA ALA B 298 2.56 9.01 -33.26
C ALA B 298 2.67 9.50 -34.72
N ASP B 299 2.29 8.65 -35.66
CA ASP B 299 2.38 8.90 -37.12
C ASP B 299 1.63 10.20 -37.48
N VAL B 300 0.41 10.38 -36.95
CA VAL B 300 -0.39 11.63 -37.16
C VAL B 300 0.44 12.86 -36.78
N PHE B 301 1.14 12.85 -35.63
CA PHE B 301 1.88 14.04 -35.14
C PHE B 301 3.17 14.23 -35.98
N ASN B 302 3.77 13.09 -36.38
CA ASN B 302 5.06 13.06 -37.14
C ASN B 302 4.85 13.89 -38.42
N GLN B 303 3.74 13.59 -39.13
CA GLN B 303 3.37 14.11 -40.47
C GLN B 303 2.84 15.53 -40.36
N HIS B 304 1.98 15.82 -39.40
CA HIS B 304 1.55 17.23 -39.27
C HIS B 304 2.79 18.10 -39.03
N PRO B 305 2.94 19.21 -39.81
CA PRO B 305 4.11 20.07 -39.69
C PRO B 305 4.25 20.91 -38.41
N ASP B 306 3.18 21.22 -37.67
CA ASP B 306 3.24 22.10 -36.46
C ASP B 306 3.62 21.34 -35.16
N PHE B 307 3.90 20.03 -35.23
CA PHE B 307 4.17 19.14 -34.07
C PHE B 307 5.42 18.31 -34.36
N ARG B 308 6.32 18.20 -33.37
CA ARG B 308 7.43 17.20 -33.36
C ARG B 308 7.19 16.15 -32.27
N VAL B 309 7.28 14.88 -32.62
CA VAL B 309 7.35 13.72 -31.69
C VAL B 309 8.79 13.61 -31.19
N ILE B 310 8.99 13.49 -29.86
CA ILE B 310 10.35 13.40 -29.25
C ILE B 310 10.99 12.09 -29.74
N SER B 311 12.28 12.14 -30.09
CA SER B 311 13.05 11.01 -30.66
C SER B 311 12.50 10.64 -32.06
N GLY B 312 11.51 11.38 -32.54
CA GLY B 312 10.91 11.23 -33.88
C GLY B 312 9.99 10.03 -34.02
N GLY B 313 9.59 9.36 -32.95
CA GLY B 313 8.70 8.18 -33.04
C GLY B 313 8.69 7.35 -31.76
N THR B 314 8.11 6.16 -31.81
CA THR B 314 7.97 5.26 -30.63
C THR B 314 8.13 3.83 -31.09
N ASN B 315 8.70 2.99 -30.24
CA ASN B 315 8.77 1.53 -30.33
C ASN B 315 8.06 0.91 -29.12
N ASN B 316 7.24 1.68 -28.41
CA ASN B 316 6.53 1.15 -27.20
C ASN B 316 5.13 1.75 -27.18
N HIS B 317 4.57 1.95 -25.98
CA HIS B 317 3.14 2.26 -25.72
C HIS B 317 2.93 3.77 -25.65
N LEU B 318 4.01 4.54 -25.67
CA LEU B 318 3.89 5.99 -25.47
C LEU B 318 4.80 6.76 -26.43
N PHE B 319 4.61 8.07 -26.44
CA PHE B 319 5.45 9.09 -27.10
C PHE B 319 5.12 10.44 -26.49
N LEU B 320 6.02 11.41 -26.68
CA LEU B 320 5.85 12.82 -26.25
C LEU B 320 5.68 13.67 -27.53
N VAL B 321 4.97 14.79 -27.43
CA VAL B 321 4.83 15.77 -28.53
C VAL B 321 5.15 17.16 -27.98
N ASP B 322 6.08 17.86 -28.66
CA ASP B 322 6.32 19.32 -28.48
C ASP B 322 5.12 20.06 -29.07
N VAL B 323 4.37 20.81 -28.27
CA VAL B 323 3.11 21.46 -28.76
C VAL B 323 3.30 22.98 -28.86
N THR B 324 4.52 23.51 -28.69
CA THR B 324 4.74 24.95 -28.35
C THR B 324 4.56 25.84 -29.58
N LYS B 325 4.51 25.26 -30.79
CA LYS B 325 4.26 26.04 -32.03
C LYS B 325 2.76 26.31 -32.14
N VAL B 326 1.93 25.47 -31.50
CA VAL B 326 0.45 25.54 -31.66
C VAL B 326 -0.16 26.18 -30.43
N VAL B 327 0.25 25.77 -29.23
CA VAL B 327 -0.24 26.37 -27.96
C VAL B 327 0.97 26.75 -27.12
N GLU B 328 0.76 27.62 -26.14
CA GLU B 328 1.87 28.22 -25.37
C GLU B 328 2.70 27.12 -24.70
N ASN B 329 2.06 26.09 -24.13
CA ASN B 329 2.76 25.08 -23.29
C ASN B 329 1.93 23.80 -23.12
N GLY B 330 2.59 22.73 -22.67
CA GLY B 330 1.97 21.41 -22.43
C GLY B 330 0.76 21.49 -21.53
N LYS B 331 0.78 22.37 -20.52
CA LYS B 331 -0.38 22.52 -19.61
C LYS B 331 -1.59 23.04 -20.38
N VAL B 332 -1.40 24.02 -21.28
CA VAL B 332 -2.53 24.57 -22.09
C VAL B 332 -3.13 23.42 -22.88
N ALA B 333 -2.31 22.63 -23.57
CA ALA B 333 -2.74 21.49 -24.38
C ALA B 333 -3.56 20.53 -23.52
N GLN B 334 -3.08 20.20 -22.31
CA GLN B 334 -3.81 19.31 -21.38
C GLN B 334 -5.21 19.88 -21.12
N ASN B 335 -5.30 21.18 -20.79
CA ASN B 335 -6.55 21.91 -20.46
C ASN B 335 -7.49 21.86 -21.68
N VAL B 336 -6.96 22.04 -22.89
CA VAL B 336 -7.81 22.09 -24.12
C VAL B 336 -8.35 20.69 -24.39
N LEU B 337 -7.50 19.68 -24.43
CA LEU B 337 -7.97 18.30 -24.73
C LEU B 337 -8.97 17.83 -23.66
N GLU B 338 -8.88 18.36 -22.43
CA GLU B 338 -9.84 18.03 -21.34
C GLU B 338 -11.24 18.51 -21.76
N GLU B 339 -11.35 19.69 -22.41
CA GLU B 339 -12.63 20.26 -22.91
C GLU B 339 -13.29 19.35 -23.94
N VAL B 340 -12.54 18.50 -24.66
CA VAL B 340 -13.15 17.53 -25.63
C VAL B 340 -13.12 16.11 -25.06
N ASN B 341 -13.02 15.94 -23.74
CA ASN B 341 -13.08 14.62 -23.04
C ASN B 341 -11.95 13.69 -23.51
N ILE B 342 -10.76 14.24 -23.72
CA ILE B 342 -9.51 13.47 -23.93
C ILE B 342 -8.54 13.83 -22.78
N THR B 343 -8.14 12.84 -21.96
CA THR B 343 -7.17 13.04 -20.84
C THR B 343 -5.82 12.46 -21.23
N LEU B 344 -4.85 13.34 -21.14
CA LEU B 344 -3.41 12.99 -21.12
C LEU B 344 -2.76 13.92 -20.11
N ASN B 345 -1.41 14.00 -20.09
CA ASN B 345 -0.72 14.93 -19.20
C ASN B 345 0.31 15.76 -19.98
N LYS B 346 0.41 17.02 -19.57
CA LYS B 346 1.59 17.87 -19.81
C LYS B 346 2.80 17.08 -19.36
N ASN B 347 3.95 17.29 -20.00
CA ASN B 347 5.16 16.50 -19.74
C ASN B 347 6.37 17.29 -20.21
N SER B 348 7.38 17.41 -19.36
CA SER B 348 8.71 17.90 -19.77
C SER B 348 9.23 17.06 -20.93
N ILE B 349 9.93 17.71 -21.85
CA ILE B 349 10.66 17.01 -22.94
C ILE B 349 12.12 17.04 -22.55
N PRO B 350 12.98 16.22 -23.19
CA PRO B 350 14.41 16.31 -22.98
C PRO B 350 14.91 17.76 -23.12
N TYR B 351 15.74 18.19 -22.17
CA TYR B 351 16.35 19.53 -22.08
C TYR B 351 15.24 20.58 -22.01
N GLU B 352 14.11 20.22 -21.39
CA GLU B 352 12.97 21.13 -21.16
C GLU B 352 13.53 22.51 -20.79
N GLN B 353 12.96 23.56 -21.38
CA GLN B 353 13.34 24.98 -21.20
C GLN B 353 12.29 25.70 -20.35
N LEU B 354 11.00 25.33 -20.43
CA LEU B 354 9.90 26.03 -19.68
C LEU B 354 9.81 25.44 -18.28
N SER B 355 9.01 26.07 -17.42
CA SER B 355 8.84 25.66 -16.00
C SER B 355 8.29 24.24 -15.96
N PRO B 356 8.66 23.42 -14.97
CA PRO B 356 8.07 22.09 -14.85
C PRO B 356 6.53 22.14 -14.72
N PHE B 357 5.95 23.28 -14.31
CA PHE B 357 4.47 23.42 -14.11
C PHE B 357 3.75 23.73 -15.43
N LYS B 358 4.51 24.01 -16.50
CA LYS B 358 3.98 24.37 -17.85
C LYS B 358 4.41 23.33 -18.88
N THR B 359 5.72 23.15 -19.07
CA THR B 359 6.38 22.16 -19.99
C THR B 359 6.08 22.45 -21.48
N SER B 360 6.84 21.82 -22.37
CA SER B 360 6.69 22.01 -23.84
C SER B 360 5.88 20.86 -24.42
N GLY B 361 5.49 19.91 -23.57
CA GLY B 361 5.16 18.57 -24.06
C GLY B 361 3.82 18.05 -23.62
N ILE B 362 3.33 17.06 -24.35
CA ILE B 362 2.26 16.16 -23.86
C ILE B 362 2.80 14.74 -23.98
N ARG B 363 2.37 13.87 -23.06
CA ARG B 363 2.65 12.43 -23.15
C ARG B 363 1.35 11.72 -23.53
N VAL B 364 1.43 10.79 -24.49
CA VAL B 364 0.28 10.03 -25.01
C VAL B 364 0.64 8.56 -24.91
N GLY B 365 -0.29 7.74 -24.44
CA GLY B 365 -0.14 6.28 -24.57
C GLY B 365 -1.42 5.60 -25.02
N SER B 366 -1.23 4.38 -25.49
CA SER B 366 -2.25 3.49 -26.09
C SER B 366 -2.84 2.44 -25.14
N PRO B 367 -2.27 2.06 -23.97
CA PRO B 367 -2.76 0.85 -23.29
C PRO B 367 -4.25 0.90 -22.94
N ALA B 368 -4.73 2.04 -22.45
CA ALA B 368 -6.12 2.13 -21.94
C ALA B 368 -7.11 1.99 -23.11
N ILE B 369 -6.88 2.71 -24.22
CA ILE B 369 -7.81 2.68 -25.40
C ILE B 369 -7.72 1.29 -26.02
N THR B 370 -6.53 0.67 -25.99
CA THR B 370 -6.32 -0.71 -26.51
C THR B 370 -7.12 -1.69 -25.67
N SER B 371 -7.22 -1.47 -24.36
CA SER B 371 -7.95 -2.41 -23.47
C SER B 371 -9.45 -2.20 -23.68
N ARG B 372 -9.87 -1.00 -24.04
CA ARG B 372 -11.28 -0.75 -24.43
C ARG B 372 -11.64 -1.38 -25.79
N GLY B 373 -10.69 -2.00 -26.50
CA GLY B 373 -10.92 -2.73 -27.77
C GLY B 373 -10.75 -1.86 -29.00
N MET B 374 -10.33 -0.61 -28.88
CA MET B 374 -9.98 0.25 -30.04
C MET B 374 -8.78 -0.30 -30.83
N GLY B 375 -8.72 0.01 -32.15
CA GLY B 375 -7.62 -0.39 -33.06
C GLY B 375 -6.99 0.82 -33.73
N GLU B 376 -6.21 0.59 -34.81
CA GLU B 376 -5.39 1.63 -35.53
C GLU B 376 -6.27 2.77 -36.07
N ALA B 377 -7.46 2.45 -36.60
CA ALA B 377 -8.39 3.47 -37.16
C ALA B 377 -8.81 4.46 -36.07
N GLU B 378 -9.31 3.96 -34.94
CA GLU B 378 -9.81 4.80 -33.82
C GLU B 378 -8.63 5.60 -33.24
N SER B 379 -7.46 4.97 -33.12
CA SER B 379 -6.22 5.65 -32.62
C SER B 379 -5.86 6.82 -33.55
N ARG B 380 -5.71 6.55 -34.85
CA ARG B 380 -5.45 7.60 -35.88
C ARG B 380 -6.51 8.70 -35.67
N GLN B 381 -7.78 8.29 -35.57
CA GLN B 381 -8.90 9.25 -35.43
C GLN B 381 -8.69 10.11 -34.17
N ILE B 382 -8.27 9.48 -33.05
CA ILE B 382 -8.12 10.23 -31.76
C ILE B 382 -7.01 11.26 -31.95
N ALA B 383 -5.93 10.84 -32.57
CA ALA B 383 -4.80 11.74 -32.82
C ALA B 383 -5.26 12.90 -33.75
N GLU B 384 -6.08 12.61 -34.78
CA GLU B 384 -6.64 13.68 -35.66
C GLU B 384 -7.41 14.67 -34.79
N TRP B 385 -8.30 14.17 -33.90
CA TRP B 385 -9.11 15.05 -33.01
C TRP B 385 -8.20 15.92 -32.16
N MET B 386 -7.06 15.38 -31.73
CA MET B 386 -6.14 16.10 -30.82
C MET B 386 -5.49 17.26 -31.61
N VAL B 387 -4.97 16.96 -32.80
CA VAL B 387 -4.42 17.97 -33.75
C VAL B 387 -5.46 19.07 -33.96
N GLU B 388 -6.70 18.68 -34.26
CA GLU B 388 -7.80 19.62 -34.58
C GLU B 388 -8.16 20.53 -33.39
N ALA B 389 -8.31 19.98 -32.17
CA ALA B 389 -8.69 20.76 -30.97
C ALA B 389 -7.60 21.77 -30.61
N LEU B 390 -6.34 21.39 -30.77
CA LEU B 390 -5.17 22.21 -30.39
C LEU B 390 -4.98 23.38 -31.38
N GLU B 391 -5.21 23.11 -32.67
CA GLU B 391 -5.28 24.13 -33.77
C GLU B 391 -6.44 25.11 -33.48
N ASN B 392 -7.59 24.63 -33.01
CA ASN B 392 -8.86 25.41 -32.89
C ASN B 392 -9.17 25.70 -31.42
N HIS B 393 -8.14 25.94 -30.62
CA HIS B 393 -8.23 25.89 -29.14
C HIS B 393 -9.08 27.05 -28.60
N ASP B 394 -9.26 28.14 -29.35
CA ASP B 394 -10.14 29.28 -28.92
C ASP B 394 -11.29 29.47 -29.93
N LYS B 395 -11.66 28.39 -30.64
CA LYS B 395 -12.92 28.24 -31.41
C LYS B 395 -13.88 27.34 -30.64
N PRO B 396 -14.62 27.88 -29.64
CA PRO B 396 -15.52 27.07 -28.82
C PRO B 396 -16.39 26.05 -29.57
N GLU B 397 -16.84 26.39 -30.77
CA GLU B 397 -17.81 25.55 -31.53
C GLU B 397 -17.08 24.36 -32.16
N VAL B 398 -15.77 24.46 -32.43
CA VAL B 398 -15.02 23.31 -33.03
C VAL B 398 -14.81 22.26 -31.93
N LEU B 399 -14.40 22.72 -30.73
CA LEU B 399 -14.23 21.87 -29.51
C LEU B 399 -15.54 21.11 -29.25
N GLU B 400 -16.65 21.84 -29.11
CA GLU B 400 -17.99 21.26 -28.84
C GLU B 400 -18.35 20.17 -29.85
N ARG B 401 -17.99 20.34 -31.13
CA ARG B 401 -18.32 19.34 -32.17
C ARG B 401 -17.39 18.13 -31.98
N ILE B 402 -16.11 18.36 -31.66
CA ILE B 402 -15.15 17.25 -31.38
C ILE B 402 -15.65 16.44 -30.17
N ARG B 403 -16.05 17.13 -29.10
CA ARG B 403 -16.62 16.48 -27.89
C ARG B 403 -17.74 15.54 -28.33
N GLY B 404 -18.57 15.95 -29.30
CA GLY B 404 -19.68 15.12 -29.81
C GLY B 404 -19.20 13.90 -30.58
N ASP B 405 -18.18 14.08 -31.42
CA ASP B 405 -17.59 12.95 -32.21
C ASP B 405 -16.94 11.96 -31.21
N VAL B 406 -16.35 12.49 -30.13
CA VAL B 406 -15.66 11.67 -29.07
C VAL B 406 -16.71 10.79 -28.39
N LYS B 407 -17.86 11.38 -28.03
CA LYS B 407 -19.01 10.68 -27.38
C LYS B 407 -19.47 9.49 -28.22
N VAL B 408 -19.47 9.61 -29.55
CA VAL B 408 -19.91 8.52 -30.47
C VAL B 408 -18.92 7.36 -30.35
N LEU B 409 -17.62 7.68 -30.34
CA LEU B 409 -16.53 6.67 -30.18
C LEU B 409 -16.63 6.00 -28.80
N THR B 410 -16.80 6.76 -27.71
CA THR B 410 -16.85 6.17 -26.34
C THR B 410 -18.08 5.26 -26.19
N ASP B 411 -19.26 5.68 -26.70
CA ASP B 411 -20.50 4.85 -26.71
C ASP B 411 -20.25 3.59 -27.54
N ALA B 412 -19.42 3.67 -28.59
CA ALA B 412 -19.16 2.51 -29.47
C ALA B 412 -18.28 1.49 -28.75
N PHE B 413 -17.34 1.93 -27.92
CA PHE B 413 -16.38 1.04 -27.20
C PHE B 413 -16.66 1.14 -25.69
N PRO B 414 -17.70 0.47 -25.17
CA PRO B 414 -18.06 0.62 -23.76
C PRO B 414 -16.91 0.16 -22.84
N LEU B 415 -16.69 0.88 -21.72
CA LEU B 415 -15.55 0.60 -20.81
C LEU B 415 -15.66 -0.84 -20.24
N TYR B 416 -16.83 -1.35 -19.82
CA TYR B 416 -16.93 -2.66 -19.12
C TYR B 416 -18.01 -3.55 -19.79
C1 GOL C . -2.28 10.17 37.26
O1 GOL C . -1.52 11.30 36.80
C2 GOL C . -1.47 8.88 37.19
O2 GOL C . -2.25 7.77 37.64
C3 GOL C . -0.90 8.63 35.80
O3 GOL C . -1.90 8.37 34.81
C3 O3Z D . 0.15 -1.71 15.18
C4 O3Z D . 0.11 -2.22 13.90
C6 O3Z D . 1.29 -0.21 13.18
C2 O3Z D . 0.74 -0.49 15.45
OXT O3Z D . 0.51 -6.94 16.76
C O3Z D . -0.06 -6.37 15.88
O O3Z D . -1.26 -6.21 15.99
CA O3Z D . 0.82 -5.94 14.71
CB O3Z D . 0.45 -6.90 13.62
OG O3Z D . -0.79 -6.56 12.99
N O3Z D . 0.72 -4.48 14.38
C4A O3Z D . -0.44 -3.66 13.75
O3 O3Z D . -0.41 -2.46 16.16
C2A O3Z D . 0.70 0.01 16.83
N1 O3Z D . 1.29 0.27 14.46
C5 O3Z D . 0.72 -1.48 12.90
C5A O3Z D . 0.71 -2.12 11.58
O4P O3Z D . 1.15 -1.40 10.51
P O3Z D . 0.94 -2.18 9.06
O3P O3Z D . 2.12 -1.52 8.36
O1P O3Z D . 1.07 -3.74 9.12
O2P O3Z D . -0.38 -1.69 8.38
C1 GOL E . -3.27 20.26 25.22
O1 GOL E . -4.06 19.99 24.08
C2 GOL E . -1.78 20.17 24.92
O2 GOL E . -1.43 21.25 24.06
C3 GOL E . -0.97 20.18 26.19
O3 GOL E . -1.10 21.43 26.86
MG MG F . -2.66 12.83 -10.33
C3 O3Z G . 6.91 4.45 -12.93
C4 O3Z G . 5.93 4.53 -11.99
C6 O3Z G . 7.46 3.65 -10.36
C2 O3Z G . 8.15 3.97 -12.57
OXT O3Z G . 4.33 8.76 -15.09
C O3Z G . 4.20 7.73 -14.54
O O3Z G . 3.63 6.87 -15.17
CA O3Z G . 4.76 7.69 -13.09
CB O3Z G . 3.86 8.74 -12.45
OG O3Z G . 2.62 8.05 -12.92
N O3Z G . 4.56 6.57 -12.14
C4A O3Z G . 4.59 5.13 -12.46
O3 O3Z G . 6.58 4.87 -14.20
C2A O3Z G . 9.21 3.94 -13.66
N1 O3Z G . 8.43 3.52 -11.31
C5 O3Z G . 6.20 4.10 -10.70
C5A O3Z G . 5.03 4.33 -9.75
O4P O3Z G . 5.17 3.88 -8.46
P O3Z G . 3.85 4.03 -7.49
O3P O3Z G . 3.08 5.32 -7.80
O1P O3Z G . 3.09 2.71 -7.51
O2P O3Z G . 4.57 4.21 -6.12
#